data_7ZG3
#
_entry.id   7ZG3
#
_cell.length_a   80.790
_cell.length_b   81.318
_cell.length_c   169.905
_cell.angle_alpha   90.00
_cell.angle_beta   90.00
_cell.angle_gamma   90.00
#
_symmetry.space_group_name_H-M   'P 21 21 21'
#
loop_
_entity.id
_entity.type
_entity.pdbx_description
1 polymer 'N-glycosylase/DNA lyase'
2 non-polymer ~{N}-[(1~{S})-1,2,2-trimethylcyclopropyl]pyrrolo[1,2-c]pyrimidine-3-carboxamide
3 non-polymer 'NICKEL (II) ION'
4 water water
#
_entity_poly.entity_id   1
_entity_poly.type   'polypeptide(L)'
_entity_poly.pdbx_seq_one_letter_code
;GSHMRHRTLSSSPALWASIPCPRSELRLDLVLASGQSFRWKEQSPAHWSGVLADQVWTLTQTEDQLYCTVYRGDDSQVSR
PTLEELETLHKYFQLDVSLAQLYSHWASVDSHFQRVAQKFQGVRLLRQDPTECLFSFICSSNNNIARITGMVERLCQAFG
PRLIQLDDVTYHGFPNLHALAGPEAETHLRKLGLGYRARYVRASAKAILEEQGGPAWLQQLRVAPYEEAHKALCTLPGVG
AKVADCICLMALDKPQAVPVDVHVWQIAHRDYGWHPKTSQAKGPSPLANKELGNFFRNLWGPYAGWAQAVLFSADLRQ
;
_entity_poly.pdbx_strand_id   A,B,C
#
# COMPACT_ATOMS: atom_id res chain seq x y z
N SER A 2 45.88 -28.15 -9.89
CA SER A 2 44.65 -28.22 -10.74
C SER A 2 43.75 -27.00 -10.55
N HIS A 3 43.06 -26.62 -11.63
CA HIS A 3 42.08 -25.52 -11.58
C HIS A 3 40.84 -25.99 -10.81
N MET A 4 40.53 -25.29 -9.73
CA MET A 4 39.40 -25.63 -8.84
C MET A 4 38.17 -24.82 -9.19
N ARG A 5 37.01 -25.45 -9.09
CA ARG A 5 35.72 -24.86 -9.48
C ARG A 5 34.80 -24.71 -8.26
N HIS A 6 33.80 -23.84 -8.38
CA HIS A 6 32.75 -23.71 -7.36
C HIS A 6 31.88 -24.97 -7.36
N ARG A 7 31.71 -25.58 -6.19
CA ARG A 7 31.06 -26.88 -6.06
C ARG A 7 29.53 -26.76 -5.98
N THR A 8 28.84 -27.69 -6.63
CA THR A 8 27.40 -27.89 -6.47
C THR A 8 27.18 -29.20 -5.70
N LEU A 9 25.91 -29.48 -5.36
CA LEU A 9 25.55 -30.63 -4.54
C LEU A 9 25.67 -31.95 -5.31
N SER A 10 25.24 -31.94 -6.57
CA SER A 10 25.26 -33.13 -7.42
C SER A 10 26.63 -33.45 -8.04
N SER A 11 27.49 -32.44 -8.20
CA SER A 11 28.79 -32.61 -8.86
C SER A 11 29.80 -33.38 -8.01
N SER A 12 29.97 -32.94 -6.75
CA SER A 12 30.96 -33.52 -5.84
C SER A 12 30.32 -33.88 -4.49
N PRO A 13 29.32 -34.79 -4.50
CA PRO A 13 28.46 -35.06 -3.33
C PRO A 13 29.14 -35.66 -2.09
N ALA A 14 30.30 -36.29 -2.27
CA ALA A 14 31.08 -36.82 -1.13
C ALA A 14 31.61 -35.73 -0.19
N LEU A 15 31.91 -34.56 -0.75
CA LEU A 15 32.49 -33.44 0.01
C LEU A 15 31.46 -32.60 0.79
N TRP A 16 30.16 -32.83 0.59
CA TRP A 16 29.11 -32.11 1.29
C TRP A 16 28.69 -32.82 2.59
N ALA A 17 28.46 -32.03 3.64
CA ALA A 17 27.88 -32.50 4.90
C ALA A 17 26.59 -31.72 5.17
N SER A 18 25.63 -32.38 5.80
CA SER A 18 24.30 -31.82 6.03
C SER A 18 24.06 -31.44 7.49
N ILE A 19 23.17 -30.46 7.70
CA ILE A 19 22.68 -30.07 9.03
C ILE A 19 21.16 -30.08 8.95
N PRO A 20 20.48 -30.74 9.93
CA PRO A 20 19.02 -30.76 9.91
C PRO A 20 18.41 -29.40 10.24
N CYS A 21 18.00 -28.67 9.21
CA CYS A 21 17.50 -27.30 9.33
C CYS A 21 16.34 -27.07 8.35
N PRO A 22 15.11 -26.82 8.87
CA PRO A 22 13.98 -26.49 7.99
C PRO A 22 14.14 -25.18 7.22
N ARG A 23 13.45 -25.08 6.08
CA ARG A 23 13.44 -23.86 5.27
C ARG A 23 12.73 -22.69 5.97
N SER A 24 11.71 -23.01 6.77
CA SER A 24 11.02 -22.00 7.58
C SER A 24 11.89 -21.39 8.70
N GLU A 25 12.87 -22.16 9.19
CA GLU A 25 13.84 -21.66 10.17
C GLU A 25 14.96 -20.82 9.56
N LEU A 26 15.31 -21.10 8.31
CA LEU A 26 16.40 -20.37 7.62
C LEU A 26 16.24 -20.44 6.10
N ARG A 27 16.21 -19.26 5.47
CA ARG A 27 16.28 -19.13 4.01
C ARG A 27 17.54 -18.34 3.67
N LEU A 28 18.47 -18.99 2.95
CA LEU A 28 19.77 -18.40 2.63
C LEU A 28 19.66 -17.21 1.68
N ASP A 29 18.71 -17.27 0.75
CA ASP A 29 18.49 -16.20 -0.23
C ASP A 29 17.92 -14.88 0.35
N LEU A 30 17.37 -14.93 1.56
CA LEU A 30 16.91 -13.72 2.28
C LEU A 30 17.89 -13.19 3.34
N VAL A 31 18.84 -14.02 3.78
CA VAL A 31 19.77 -13.67 4.86
C VAL A 31 21.16 -13.23 4.39
N LEU A 32 21.72 -13.94 3.41
CA LEU A 32 23.14 -13.78 3.04
C LEU A 32 23.50 -12.53 2.23
N ALA A 33 22.51 -11.86 1.63
CA ALA A 33 22.77 -10.65 0.84
C ALA A 33 21.70 -9.55 1.06
N SER A 34 21.22 -9.43 2.30
CA SER A 34 20.21 -8.44 2.67
C SER A 34 20.74 -7.40 3.67
N GLY A 35 22.00 -6.97 3.46
CA GLY A 35 22.60 -5.91 4.26
C GLY A 35 23.29 -6.30 5.56
N GLN A 36 23.19 -7.56 5.98
CA GLN A 36 23.85 -8.03 7.20
C GLN A 36 25.34 -8.28 6.95
N SER A 37 25.62 -9.21 6.04
CA SER A 37 26.99 -9.56 5.65
C SER A 37 27.16 -9.30 4.16
N PHE A 38 28.34 -8.79 3.78
CA PHE A 38 28.63 -8.41 2.40
C PHE A 38 29.64 -9.35 1.72
N ARG A 39 29.77 -10.57 2.24
CA ARG A 39 30.81 -11.52 1.82
C ARG A 39 30.30 -12.69 0.98
N TRP A 40 28.98 -12.84 0.83
CA TRP A 40 28.37 -13.97 0.14
C TRP A 40 27.89 -13.59 -1.26
N LYS A 41 28.11 -14.48 -2.23
CA LYS A 41 27.67 -14.28 -3.61
C LYS A 41 27.12 -15.59 -4.18
N GLU A 42 25.98 -15.52 -4.86
CA GLU A 42 25.37 -16.67 -5.51
C GLU A 42 26.06 -16.92 -6.85
N GLN A 43 27.07 -17.79 -6.84
CA GLN A 43 27.89 -18.06 -8.03
C GLN A 43 27.13 -18.92 -9.04
N SER A 44 26.56 -20.02 -8.56
CA SER A 44 25.64 -20.86 -9.34
C SER A 44 24.25 -20.83 -8.65
N PRO A 45 23.17 -21.22 -9.37
CA PRO A 45 21.82 -21.15 -8.79
C PRO A 45 21.63 -21.90 -7.47
N ALA A 46 21.10 -21.18 -6.47
CA ALA A 46 20.87 -21.72 -5.11
C ALA A 46 22.14 -22.21 -4.40
N HIS A 47 23.27 -21.58 -4.70
CA HIS A 47 24.57 -21.94 -4.14
C HIS A 47 25.37 -20.68 -3.79
N TRP A 48 25.39 -20.34 -2.50
CA TRP A 48 26.04 -19.12 -2.01
C TRP A 48 27.44 -19.44 -1.50
N SER A 49 28.45 -18.81 -2.09
CA SER A 49 29.85 -19.01 -1.71
C SER A 49 30.42 -17.77 -1.02
N GLY A 50 31.23 -17.99 0.02
CA GLY A 50 31.83 -16.90 0.79
C GLY A 50 32.80 -17.35 1.86
N VAL A 51 33.47 -16.38 2.49
CA VAL A 51 34.53 -16.64 3.47
C VAL A 51 33.99 -16.61 4.90
N LEU A 52 34.53 -17.50 5.75
CA LEU A 52 34.25 -17.51 7.19
C LEU A 52 35.52 -17.80 7.97
N ALA A 53 36.20 -16.72 8.41
CA ALA A 53 37.43 -16.81 9.20
C ALA A 53 38.54 -17.63 8.51
N ASP A 54 39.09 -17.04 7.45
CA ASP A 54 40.19 -17.63 6.66
C ASP A 54 39.86 -19.02 6.05
N GLN A 55 38.61 -19.21 5.66
CA GLN A 55 38.15 -20.44 4.99
C GLN A 55 36.94 -20.14 4.13
N VAL A 56 36.98 -20.58 2.87
CA VAL A 56 35.87 -20.40 1.94
C VAL A 56 34.86 -21.54 2.13
N TRP A 57 33.57 -21.20 2.00
CA TRP A 57 32.48 -22.17 2.06
C TRP A 57 31.59 -22.02 0.83
N THR A 58 30.76 -23.04 0.58
CA THR A 58 29.62 -22.93 -0.33
C THR A 58 28.42 -23.58 0.36
N LEU A 59 27.28 -22.86 0.34
CA LEU A 59 26.10 -23.24 1.10
C LEU A 59 24.89 -23.41 0.18
N THR A 60 24.09 -24.44 0.46
CA THR A 60 22.81 -24.68 -0.22
C THR A 60 21.85 -25.40 0.71
N GLN A 61 20.61 -25.58 0.27
CA GLN A 61 19.59 -26.20 1.12
C GLN A 61 18.41 -26.78 0.35
N THR A 62 17.70 -27.69 1.02
CA THR A 62 16.45 -28.27 0.55
C THR A 62 15.35 -27.80 1.52
N GLU A 63 14.16 -28.41 1.44
CA GLU A 63 13.06 -28.11 2.38
C GLU A 63 13.41 -28.44 3.84
N ASP A 64 14.19 -29.50 4.05
CA ASP A 64 14.52 -29.99 5.41
C ASP A 64 16.02 -30.01 5.78
N GLN A 65 16.92 -29.79 4.83
CA GLN A 65 18.37 -29.92 5.07
C GLN A 65 19.16 -28.67 4.68
N LEU A 66 20.30 -28.48 5.35
CA LEU A 66 21.25 -27.40 5.04
C LEU A 66 22.60 -28.04 4.68
N TYR A 67 22.83 -28.22 3.37
CA TYR A 67 24.08 -28.83 2.87
C TYR A 67 25.18 -27.77 2.77
N CYS A 68 26.35 -28.09 3.33
CA CYS A 68 27.52 -27.20 3.31
C CYS A 68 28.79 -27.96 2.94
N THR A 69 29.75 -27.23 2.37
CA THR A 69 31.06 -27.79 2.00
C THR A 69 32.17 -26.75 2.23
N VAL A 70 33.38 -27.24 2.52
CA VAL A 70 34.53 -26.39 2.83
C VAL A 70 35.73 -26.74 1.94
N TYR A 71 36.49 -25.73 1.54
CA TYR A 71 37.60 -25.89 0.60
C TYR A 71 38.94 -25.88 1.31
N ARG A 72 39.82 -26.80 0.92
CA ARG A 72 41.17 -26.92 1.48
C ARG A 72 42.18 -27.23 0.39
N SER A 79 38.06 -32.95 1.47
CA SER A 79 37.26 -33.77 2.37
C SER A 79 36.04 -33.01 2.91
N ARG A 80 35.12 -33.74 3.55
CA ARG A 80 33.91 -33.16 4.11
C ARG A 80 34.18 -32.34 5.38
N PRO A 81 33.27 -31.41 5.75
CA PRO A 81 33.43 -30.66 7.00
C PRO A 81 33.39 -31.52 8.27
N THR A 82 34.20 -31.15 9.26
CA THR A 82 34.27 -31.88 10.53
C THR A 82 33.13 -31.50 11.47
N LEU A 83 33.02 -32.22 12.58
CA LEU A 83 32.01 -31.94 13.62
C LEU A 83 32.25 -30.58 14.30
N GLU A 84 33.52 -30.19 14.43
CA GLU A 84 33.88 -28.87 14.94
C GLU A 84 33.50 -27.74 13.97
N GLU A 85 33.69 -27.99 12.66
CA GLU A 85 33.33 -27.01 11.61
C GLU A 85 31.82 -26.88 11.41
N LEU A 86 31.07 -27.98 11.60
CA LEU A 86 29.60 -27.92 11.60
C LEU A 86 29.05 -27.18 12.83
N GLU A 87 29.79 -27.22 13.94
CA GLU A 87 29.45 -26.45 15.15
C GLU A 87 29.55 -24.93 14.94
N THR A 88 30.50 -24.48 14.12
CA THR A 88 30.66 -23.05 13.83
C THR A 88 29.52 -22.48 12.99
N LEU A 89 29.05 -23.24 12.00
CA LEU A 89 27.87 -22.84 11.21
C LEU A 89 26.58 -22.85 12.02
N HIS A 90 26.47 -23.74 12.99
CA HIS A 90 25.32 -23.77 13.91
C HIS A 90 25.30 -22.51 14.78
N LYS A 91 26.49 -22.06 15.22
CA LYS A 91 26.64 -20.79 15.95
C LYS A 91 26.51 -19.57 15.04
N TYR A 92 27.01 -19.66 13.80
CA TYR A 92 26.97 -18.55 12.84
C TYR A 92 25.54 -18.16 12.47
N PHE A 93 24.74 -19.14 12.07
CA PHE A 93 23.32 -18.91 11.78
C PHE A 93 22.46 -18.77 13.04
N GLN A 94 22.95 -19.28 14.18
CA GLN A 94 22.23 -19.23 15.47
C GLN A 94 20.96 -20.07 15.42
N LEU A 95 21.14 -21.35 15.08
CA LEU A 95 20.04 -22.29 14.91
C LEU A 95 19.45 -22.80 16.23
N ASP A 96 20.12 -22.53 17.35
CA ASP A 96 19.55 -22.79 18.69
C ASP A 96 18.30 -21.92 18.94
N VAL A 97 18.33 -20.68 18.45
CA VAL A 97 17.18 -19.77 18.57
C VAL A 97 16.08 -20.24 17.61
N SER A 98 14.96 -20.68 18.18
CA SER A 98 13.82 -21.16 17.40
C SER A 98 13.09 -19.97 16.78
N LEU A 99 13.07 -19.92 15.44
CA LEU A 99 12.44 -18.82 14.71
C LEU A 99 10.90 -18.94 14.69
N ALA A 100 10.40 -20.17 14.77
CA ALA A 100 8.95 -20.43 14.78
C ALA A 100 8.24 -19.90 16.02
N GLN A 101 8.92 -19.92 17.18
CA GLN A 101 8.36 -19.37 18.42
C GLN A 101 8.30 -17.84 18.39
N LEU A 102 9.31 -17.22 17.76
CA LEU A 102 9.39 -15.76 17.65
C LEU A 102 8.35 -15.20 16.67
N TYR A 103 8.26 -15.82 15.49
CA TYR A 103 7.22 -15.48 14.50
C TYR A 103 5.80 -15.63 15.08
N SER A 104 5.60 -16.64 15.92
CA SER A 104 4.34 -16.83 16.65
C SER A 104 4.10 -15.72 17.68
N HIS A 105 5.15 -15.35 18.41
CA HIS A 105 5.09 -14.26 19.40
C HIS A 105 4.83 -12.90 18.77
N TRP A 106 5.55 -12.60 17.69
CA TRP A 106 5.41 -11.31 16.99
C TRP A 106 4.05 -11.18 16.30
N ALA A 107 3.57 -12.27 15.68
CA ALA A 107 2.27 -12.29 14.99
C ALA A 107 1.08 -12.08 15.95
N SER A 108 1.19 -12.62 17.16
CA SER A 108 0.14 -12.47 18.18
C SER A 108 0.02 -11.04 18.70
N VAL A 109 1.16 -10.37 18.90
CA VAL A 109 1.20 -9.00 19.43
C VAL A 109 1.35 -7.89 18.37
N ASP A 110 1.20 -8.23 17.08
CA ASP A 110 1.34 -7.26 15.99
C ASP A 110 0.57 -7.74 14.75
N SER A 111 -0.45 -6.98 14.36
CA SER A 111 -1.30 -7.31 13.21
C SER A 111 -0.59 -7.10 11.87
N HIS A 112 0.27 -6.08 11.79
CA HIS A 112 1.04 -5.79 10.58
C HIS A 112 2.01 -6.93 10.24
N PHE A 113 2.73 -7.42 11.26
CA PHE A 113 3.65 -8.55 11.10
C PHE A 113 2.93 -9.84 10.69
N GLN A 114 1.73 -10.05 11.24
CA GLN A 114 0.93 -11.25 10.94
C GLN A 114 0.57 -11.39 9.45
N ARG A 115 0.27 -10.27 8.80
CA ARG A 115 -0.01 -10.23 7.37
C ARG A 115 1.25 -10.23 6.52
N VAL A 116 2.24 -9.42 6.91
CA VAL A 116 3.47 -9.22 6.14
C VAL A 116 4.42 -10.43 6.16
N ALA A 117 4.58 -11.05 7.33
CA ALA A 117 5.56 -12.15 7.50
C ALA A 117 5.08 -13.56 7.10
N GLN A 118 4.00 -13.65 6.31
CA GLN A 118 3.54 -14.93 5.76
C GLN A 118 4.47 -15.41 4.65
N LYS A 119 4.71 -14.53 3.68
CA LYS A 119 5.54 -14.83 2.52
C LYS A 119 7.04 -14.95 2.85
N PHE A 120 7.52 -14.17 3.82
CA PHE A 120 8.95 -14.06 4.12
C PHE A 120 9.34 -14.80 5.41
N GLN A 121 9.33 -16.13 5.33
CA GLN A 121 9.79 -17.01 6.41
C GLN A 121 11.32 -17.12 6.40
N GLY A 122 11.88 -17.66 7.48
CA GLY A 122 13.30 -17.99 7.57
C GLY A 122 14.27 -16.83 7.55
N VAL A 123 13.85 -15.67 8.06
CA VAL A 123 14.71 -14.48 8.15
C VAL A 123 15.22 -14.37 9.58
N ARG A 124 16.54 -14.52 9.74
CA ARG A 124 17.21 -14.52 11.04
C ARG A 124 18.52 -13.75 10.97
N LEU A 125 19.06 -13.39 12.12
CA LEU A 125 20.33 -12.64 12.21
C LEU A 125 21.52 -13.59 12.27
N LEU A 126 22.57 -13.26 11.53
CA LEU A 126 23.83 -14.00 11.56
C LEU A 126 24.65 -13.58 12.76
N ARG A 127 25.60 -14.42 13.16
CA ARG A 127 26.50 -14.16 14.28
C ARG A 127 27.89 -13.92 13.71
N GLN A 128 28.10 -12.70 13.22
CA GLN A 128 29.33 -12.32 12.53
C GLN A 128 30.47 -12.08 13.51
N ASP A 129 31.69 -12.04 12.96
CA ASP A 129 32.87 -11.68 13.72
C ASP A 129 32.81 -10.17 14.05
N PRO A 130 33.07 -9.77 15.32
CA PRO A 130 32.97 -8.35 15.69
C PRO A 130 33.90 -7.42 14.90
N THR A 131 35.12 -7.87 14.61
CA THR A 131 36.08 -7.11 13.82
C THR A 131 35.60 -6.95 12.37
N GLU A 132 35.20 -8.08 11.76
CA GLU A 132 34.67 -8.09 10.40
C GLU A 132 33.40 -7.24 10.27
N CYS A 133 32.51 -7.37 11.24
CA CYS A 133 31.25 -6.60 11.28
C CYS A 133 31.49 -5.10 11.48
N LEU A 134 32.43 -4.74 12.36
CA LEU A 134 32.70 -3.34 12.70
C LEU A 134 33.20 -2.52 11.51
N PHE A 135 34.28 -2.99 10.88
CA PHE A 135 34.90 -2.27 9.77
C PHE A 135 34.11 -2.29 8.45
N SER A 136 33.17 -3.22 8.32
CA SER A 136 32.25 -3.24 7.17
C SER A 136 31.26 -2.08 7.22
N PHE A 137 30.65 -1.86 8.39
CA PHE A 137 29.65 -0.79 8.57
C PHE A 137 30.23 0.61 8.80
N ILE A 138 31.52 0.72 9.10
CA ILE A 138 32.21 2.03 9.15
C ILE A 138 32.28 2.65 7.75
N CYS A 139 32.50 1.80 6.73
CA CYS A 139 32.48 2.23 5.32
C CYS A 139 31.14 1.93 4.62
N SER A 140 30.02 2.15 5.36
CA SER A 140 28.67 2.04 4.81
C SER A 140 27.93 3.37 5.00
N SER A 141 28.61 4.47 4.65
CA SER A 141 28.09 5.82 4.84
C SER A 141 27.37 6.30 3.58
N ASN A 142 26.04 6.18 3.58
CA ASN A 142 25.18 6.60 2.46
C ASN A 142 25.44 5.83 1.16
N ASN A 143 25.83 4.56 1.28
CA ASN A 143 26.12 3.70 0.14
C ASN A 143 25.20 2.48 0.17
N ASN A 144 24.81 2.00 -1.02
CA ASN A 144 23.92 0.84 -1.16
C ASN A 144 24.70 -0.49 -0.98
N ILE A 145 23.99 -1.61 -1.11
CA ILE A 145 24.57 -2.96 -0.90
C ILE A 145 25.69 -3.26 -1.91
N ALA A 146 25.48 -2.91 -3.19
CA ALA A 146 26.46 -3.15 -4.25
C ALA A 146 27.76 -2.39 -4.04
N ARG A 147 27.66 -1.14 -3.60
CA ARG A 147 28.82 -0.29 -3.32
C ARG A 147 29.64 -0.79 -2.13
N ILE A 148 28.96 -1.20 -1.06
CA ILE A 148 29.61 -1.71 0.16
C ILE A 148 30.29 -3.05 -0.10
N THR A 149 29.61 -3.93 -0.84
CA THR A 149 30.16 -5.24 -1.23
C THR A 149 31.44 -5.11 -2.06
N GLY A 150 31.50 -4.10 -2.92
CA GLY A 150 32.70 -3.77 -3.68
C GLY A 150 33.86 -3.29 -2.81
N MET A 151 33.55 -2.42 -1.85
CA MET A 151 34.55 -1.89 -0.91
C MET A 151 35.18 -3.00 -0.05
N VAL A 152 34.33 -3.86 0.50
CA VAL A 152 34.78 -4.96 1.37
C VAL A 152 35.63 -5.98 0.59
N GLU A 153 35.25 -6.25 -0.66
CA GLU A 153 35.99 -7.17 -1.52
C GLU A 153 37.40 -6.64 -1.85
N ARG A 154 37.46 -5.36 -2.24
CA ARG A 154 38.74 -4.69 -2.50
C ARG A 154 39.59 -4.49 -1.24
N LEU A 155 38.93 -4.30 -0.09
CA LEU A 155 39.61 -4.16 1.21
C LEU A 155 40.33 -5.46 1.60
N CYS A 156 39.61 -6.58 1.50
CA CYS A 156 40.19 -7.89 1.79
C CYS A 156 41.25 -8.34 0.77
N GLN A 157 41.09 -7.91 -0.49
CA GLN A 157 42.04 -8.24 -1.56
C GLN A 157 43.43 -7.62 -1.32
N ALA A 158 43.44 -6.33 -0.97
CA ALA A 158 44.68 -5.59 -0.76
C ALA A 158 45.34 -5.91 0.58
N PHE A 159 44.57 -5.80 1.66
CA PHE A 159 45.10 -5.91 3.03
C PHE A 159 45.06 -7.33 3.60
N GLY A 160 43.97 -8.06 3.34
CA GLY A 160 43.79 -9.41 3.88
C GLY A 160 44.63 -10.47 3.19
N PRO A 161 44.81 -11.64 3.85
CA PRO A 161 45.64 -12.72 3.30
C PRO A 161 44.90 -13.56 2.26
N ARG A 162 45.61 -13.96 1.20
CA ARG A 162 45.04 -14.77 0.13
C ARG A 162 44.79 -16.21 0.61
N LEU A 163 43.60 -16.74 0.32
CA LEU A 163 43.19 -18.06 0.80
C LEU A 163 43.18 -19.11 -0.32
N ILE A 164 42.37 -18.88 -1.34
CA ILE A 164 42.14 -19.87 -2.40
C ILE A 164 41.45 -19.23 -3.61
N GLN A 165 41.67 -19.81 -4.79
CA GLN A 165 41.01 -19.37 -6.03
C GLN A 165 40.02 -20.44 -6.52
N LEU A 166 38.79 -20.02 -6.76
CA LEU A 166 37.75 -20.87 -7.35
C LEU A 166 37.17 -20.14 -8.58
N ASP A 167 37.21 -20.80 -9.74
CA ASP A 167 36.93 -20.16 -11.04
C ASP A 167 37.85 -18.94 -11.23
N ASP A 168 37.31 -17.75 -11.53
CA ASP A 168 38.13 -16.54 -11.70
C ASP A 168 37.86 -15.54 -10.56
N VAL A 169 37.84 -16.07 -9.33
CA VAL A 169 37.57 -15.28 -8.12
C VAL A 169 38.59 -15.67 -7.04
N THR A 170 39.48 -14.74 -6.70
CA THR A 170 40.48 -14.95 -5.66
C THR A 170 39.89 -14.55 -4.30
N TYR A 171 39.74 -15.51 -3.41
CA TYR A 171 39.19 -15.27 -2.06
C TYR A 171 40.29 -14.87 -1.08
N HIS A 172 39.97 -13.91 -0.22
CA HIS A 172 40.87 -13.44 0.83
C HIS A 172 40.15 -13.43 2.17
N GLY A 173 40.90 -13.63 3.26
CA GLY A 173 40.37 -13.45 4.61
C GLY A 173 40.24 -11.98 4.94
N PHE A 174 39.55 -11.66 6.04
CA PHE A 174 39.36 -10.27 6.45
C PHE A 174 40.66 -9.72 7.09
N PRO A 175 41.02 -8.45 6.81
CA PRO A 175 42.25 -7.88 7.38
C PRO A 175 42.26 -7.81 8.90
N ASN A 176 43.41 -8.13 9.50
CA ASN A 176 43.63 -7.97 10.95
C ASN A 176 43.79 -6.50 11.34
N LEU A 177 43.80 -6.25 12.66
CA LEU A 177 43.97 -4.88 13.18
C LEU A 177 45.34 -4.27 12.89
N HIS A 178 46.38 -5.12 12.79
CA HIS A 178 47.74 -4.65 12.48
C HIS A 178 47.87 -4.11 11.06
N ALA A 179 47.21 -4.77 10.10
CA ALA A 179 47.23 -4.35 8.69
C ALA A 179 46.47 -3.04 8.47
N LEU A 180 45.31 -2.91 9.10
CA LEU A 180 44.48 -1.70 9.02
C LEU A 180 45.12 -0.50 9.73
N ALA A 181 45.89 -0.76 10.79
CA ALA A 181 46.62 0.27 11.54
C ALA A 181 48.10 0.30 11.15
N GLY A 182 48.36 0.45 9.85
CA GLY A 182 49.71 0.51 9.31
C GLY A 182 50.30 1.91 9.30
N PRO A 183 51.47 2.07 8.67
CA PRO A 183 52.19 3.34 8.52
C PRO A 183 51.62 4.21 7.40
N GLU A 184 51.48 3.63 6.21
CA GLU A 184 50.89 4.31 5.05
C GLU A 184 49.58 3.62 4.64
N ALA A 185 48.71 3.38 5.62
CA ALA A 185 47.45 2.68 5.41
C ALA A 185 46.36 3.59 4.82
N GLU A 186 46.26 4.81 5.35
CA GLU A 186 45.27 5.80 4.89
C GLU A 186 45.41 6.15 3.41
N THR A 187 46.64 6.19 2.91
CA THR A 187 46.92 6.39 1.48
C THR A 187 46.46 5.20 0.63
N HIS A 188 46.71 3.99 1.14
CA HIS A 188 46.31 2.74 0.47
C HIS A 188 44.79 2.54 0.47
N LEU A 189 44.15 2.81 1.61
CA LEU A 189 42.68 2.71 1.74
C LEU A 189 41.94 3.73 0.88
N ARG A 190 42.50 4.94 0.76
CA ARG A 190 41.93 5.99 -0.09
C ARG A 190 42.02 5.65 -1.59
N LYS A 191 43.06 4.91 -1.98
CA LYS A 191 43.23 4.46 -3.37
C LYS A 191 42.15 3.47 -3.83
N LEU A 192 41.64 2.66 -2.90
CA LEU A 192 40.57 1.70 -3.20
C LEU A 192 39.20 2.36 -3.42
N GLY A 193 39.01 3.55 -2.86
CA GLY A 193 37.77 4.31 -3.01
C GLY A 193 36.90 4.29 -1.76
N LEU A 194 37.49 4.64 -0.63
CA LEU A 194 36.79 4.73 0.66
C LEU A 194 36.26 6.15 0.90
N GLY A 195 37.08 7.16 0.58
CA GLY A 195 36.71 8.57 0.74
C GLY A 195 37.08 9.07 2.13
N TYR A 196 36.10 9.67 2.82
CA TYR A 196 36.29 10.14 4.19
C TYR A 196 36.36 9.01 5.21
N ARG A 197 35.80 7.85 4.87
CA ARG A 197 35.79 6.67 5.76
C ARG A 197 37.17 6.04 6.01
N ALA A 198 38.12 6.24 5.10
CA ALA A 198 39.48 5.70 5.22
C ALA A 198 40.22 6.14 6.49
N ARG A 199 40.01 7.40 6.89
CA ARG A 199 40.61 7.94 8.12
C ARG A 199 40.03 7.29 9.39
N TYR A 200 38.73 7.02 9.38
CA TYR A 200 38.05 6.37 10.52
C TYR A 200 38.40 4.88 10.66
N VAL A 201 38.80 4.23 9.58
CA VAL A 201 39.28 2.84 9.62
C VAL A 201 40.65 2.77 10.32
N ARG A 202 41.56 3.67 9.95
CA ARG A 202 42.89 3.75 10.57
C ARG A 202 42.84 4.15 12.03
N ALA A 203 41.94 5.09 12.37
CA ALA A 203 41.77 5.58 13.74
C ALA A 203 41.15 4.53 14.67
N SER A 204 40.12 3.85 14.19
CA SER A 204 39.45 2.77 14.95
C SER A 204 40.34 1.53 15.12
N ALA A 205 41.16 1.24 14.11
CA ALA A 205 42.13 0.13 14.18
C ALA A 205 43.23 0.41 15.20
N LYS A 206 43.73 1.65 15.23
CA LYS A 206 44.69 2.09 16.24
C LYS A 206 44.12 2.07 17.67
N ALA A 207 42.85 2.42 17.81
CA ALA A 207 42.18 2.45 19.11
C ALA A 207 41.99 1.06 19.71
N ILE A 208 41.49 0.12 18.90
CA ILE A 208 41.24 -1.26 19.34
C ILE A 208 42.53 -2.05 19.60
N LEU A 209 43.52 -1.88 18.73
CA LEU A 209 44.77 -2.65 18.79
C LEU A 209 45.71 -2.12 19.88
N GLU A 210 46.07 -0.84 19.77
CA GLU A 210 47.12 -0.25 20.61
C GLU A 210 46.65 0.05 22.03
N GLU A 211 45.54 0.76 22.17
CA GLU A 211 45.08 1.25 23.47
C GLU A 211 44.34 0.19 24.28
N GLN A 212 43.33 -0.43 23.68
CA GLN A 212 42.45 -1.38 24.38
C GLN A 212 43.13 -2.73 24.58
N GLY A 213 43.50 -3.37 23.48
CA GLY A 213 44.11 -4.71 23.52
C GLY A 213 44.21 -5.37 22.15
N GLY A 214 43.06 -5.58 21.53
CA GLY A 214 42.98 -6.25 20.23
C GLY A 214 41.57 -6.72 19.92
N PRO A 215 41.44 -7.91 19.29
CA PRO A 215 40.11 -8.51 19.09
C PRO A 215 39.39 -8.96 20.37
N ALA A 216 40.15 -9.20 21.45
CA ALA A 216 39.59 -9.60 22.75
C ALA A 216 38.69 -8.54 23.41
N TRP A 217 38.96 -7.26 23.14
CA TRP A 217 38.13 -6.16 23.66
C TRP A 217 36.70 -6.21 23.13
N LEU A 218 36.56 -6.46 21.83
CA LEU A 218 35.24 -6.61 21.19
C LEU A 218 34.52 -7.88 21.65
N GLN A 219 35.28 -8.94 21.95
CA GLN A 219 34.73 -10.17 22.54
C GLN A 219 34.19 -9.96 23.96
N GLN A 220 34.81 -9.05 24.71
CA GLN A 220 34.32 -8.66 26.04
C GLN A 220 32.97 -7.93 25.99
N LEU A 221 32.76 -7.13 24.95
CA LEU A 221 31.49 -6.40 24.74
C LEU A 221 30.31 -7.34 24.43
N ARG A 222 30.61 -8.51 23.87
CA ARG A 222 29.60 -9.55 23.63
C ARG A 222 29.00 -10.09 24.94
N VAL A 223 29.82 -10.16 25.99
CA VAL A 223 29.38 -10.60 27.33
C VAL A 223 28.70 -9.46 28.10
N ALA A 224 29.17 -8.23 27.88
CA ALA A 224 28.64 -7.04 28.58
C ALA A 224 27.18 -6.71 28.17
N PRO A 225 26.48 -5.86 28.96
CA PRO A 225 25.10 -5.49 28.61
C PRO A 225 24.94 -4.64 27.34
N TYR A 226 23.70 -4.51 26.88
CA TYR A 226 23.35 -3.77 25.66
C TYR A 226 23.68 -2.28 25.74
N GLU A 227 23.32 -1.64 26.86
CA GLU A 227 23.60 -0.22 27.06
C GLU A 227 25.10 0.06 27.19
N GLU A 228 25.82 -0.83 27.87
CA GLU A 228 27.27 -0.72 28.04
C GLU A 228 28.01 -0.99 26.72
N ALA A 229 27.52 -1.95 25.94
CA ALA A 229 28.11 -2.29 24.64
C ALA A 229 27.92 -1.18 23.59
N HIS A 230 26.70 -0.64 23.51
CA HIS A 230 26.37 0.43 22.58
C HIS A 230 27.14 1.72 22.88
N LYS A 231 27.24 2.06 24.16
CA LYS A 231 27.99 3.24 24.62
C LYS A 231 29.50 3.08 24.34
N ALA A 232 30.01 1.87 24.49
CA ALA A 232 31.42 1.56 24.22
C ALA A 232 31.78 1.70 22.73
N LEU A 233 30.88 1.29 21.85
CA LEU A 233 31.08 1.43 20.40
C LEU A 233 31.05 2.88 19.92
N CYS A 234 30.19 3.71 20.54
CA CYS A 234 30.04 5.11 20.16
C CYS A 234 31.27 6.00 20.47
N THR A 235 32.13 5.57 21.39
CA THR A 235 33.38 6.28 21.69
C THR A 235 34.40 6.20 20.53
N LEU A 236 34.33 5.15 19.73
CA LEU A 236 35.25 4.95 18.61
C LEU A 236 35.02 5.98 17.50
N PRO A 237 36.08 6.35 16.75
CA PRO A 237 35.96 7.34 15.68
C PRO A 237 35.31 6.76 14.42
N GLY A 238 34.25 7.43 13.94
CA GLY A 238 33.50 6.96 12.77
C GLY A 238 32.20 6.25 13.09
N VAL A 239 32.18 5.49 14.18
CA VAL A 239 31.00 4.74 14.62
C VAL A 239 30.00 5.69 15.27
N GLY A 240 28.87 5.92 14.59
CA GLY A 240 27.76 6.70 15.13
C GLY A 240 26.79 5.84 15.91
N ALA A 241 25.58 6.37 16.13
CA ALA A 241 24.54 5.67 16.89
C ALA A 241 23.93 4.50 16.12
N LYS A 242 23.66 4.71 14.82
CA LYS A 242 23.03 3.69 13.97
C LYS A 242 23.96 2.51 13.67
N VAL A 243 25.23 2.81 13.39
CA VAL A 243 26.25 1.78 13.12
C VAL A 243 26.54 0.94 14.37
N ALA A 244 26.50 1.57 15.54
CA ALA A 244 26.69 0.87 16.82
C ALA A 244 25.61 -0.18 17.08
N ASP A 245 24.36 0.16 16.80
CA ASP A 245 23.23 -0.77 16.92
C ASP A 245 23.29 -1.94 15.93
N CYS A 246 23.81 -1.68 14.73
CA CYS A 246 24.03 -2.74 13.73
C CYS A 246 25.05 -3.76 14.24
N ILE A 247 26.16 -3.28 14.80
CA ILE A 247 27.22 -4.14 15.33
C ILE A 247 26.74 -4.91 16.57
N CYS A 248 25.95 -4.25 17.43
CA CYS A 248 25.35 -4.91 18.60
C CYS A 248 24.43 -6.07 18.21
N LEU A 249 23.56 -5.84 17.24
CA LEU A 249 22.60 -6.84 16.77
C LEU A 249 23.26 -8.00 16.02
N MET A 250 24.21 -7.67 15.14
CA MET A 250 24.77 -8.62 14.18
C MET A 250 26.04 -9.36 14.65
N ALA A 251 26.73 -8.81 15.65
CA ALA A 251 27.99 -9.39 16.16
C ALA A 251 28.02 -9.66 17.67
N LEU A 252 27.60 -8.68 18.47
CA LEU A 252 27.75 -8.75 19.94
C LEU A 252 26.57 -9.36 20.71
N ASP A 253 25.69 -10.10 20.01
CA ASP A 253 24.61 -10.88 20.63
C ASP A 253 23.61 -10.02 21.42
N LYS A 254 23.04 -9.03 20.74
CA LYS A 254 22.05 -8.12 21.32
C LYS A 254 20.78 -8.11 20.45
N PRO A 255 19.91 -9.12 20.61
CA PRO A 255 18.68 -9.18 19.81
C PRO A 255 17.72 -8.00 20.00
N GLN A 256 17.77 -7.34 21.16
CA GLN A 256 16.97 -6.14 21.44
C GLN A 256 17.39 -4.88 20.67
N ALA A 257 18.61 -4.86 20.14
CA ALA A 257 19.13 -3.69 19.40
C ALA A 257 18.37 -3.43 18.11
N VAL A 258 18.05 -2.16 17.86
CA VAL A 258 17.27 -1.72 16.70
C VAL A 258 18.01 -0.54 16.04
N PRO A 259 18.74 -0.80 14.94
CA PRO A 259 19.29 0.30 14.13
C PRO A 259 18.21 1.18 13.51
N VAL A 260 18.23 2.48 13.82
CA VAL A 260 17.22 3.43 13.34
C VAL A 260 17.83 4.38 12.31
N ASP A 261 17.29 4.33 11.09
CA ASP A 261 17.64 5.27 10.01
C ASP A 261 16.35 5.74 9.31
N VAL A 262 16.49 6.46 8.20
CA VAL A 262 15.34 7.02 7.47
C VAL A 262 14.33 5.98 6.96
N HIS A 263 14.78 4.76 6.66
CA HIS A 263 13.89 3.68 6.21
C HIS A 263 13.04 3.09 7.34
N VAL A 264 13.57 3.07 8.56
CA VAL A 264 12.82 2.63 9.74
C VAL A 264 11.75 3.66 10.11
N TRP A 265 12.09 4.95 9.98
CA TRP A 265 11.11 6.04 10.10
C TRP A 265 9.93 5.88 9.14
N GLN A 266 10.22 5.49 7.90
CA GLN A 266 9.18 5.30 6.88
C GLN A 266 8.22 4.16 7.24
N ILE A 267 8.77 3.03 7.69
CA ILE A 267 7.96 1.87 8.12
C ILE A 267 7.15 2.20 9.38
N ALA A 268 7.82 2.77 10.38
CA ALA A 268 7.18 3.13 11.65
C ALA A 268 6.03 4.13 11.47
N HIS A 269 6.24 5.11 10.60
CA HIS A 269 5.24 6.13 10.32
C HIS A 269 4.07 5.58 9.49
N ARG A 270 4.39 4.93 8.38
CA ARG A 270 3.37 4.45 7.43
C ARG A 270 2.58 3.25 7.96
N ASP A 271 3.30 2.25 8.49
CA ASP A 271 2.69 0.98 8.91
C ASP A 271 2.24 0.93 10.37
N TYR A 272 2.82 1.77 11.23
CA TYR A 272 2.46 1.82 12.66
C TYR A 272 1.91 3.17 13.17
N GLY A 273 1.89 4.20 12.32
CA GLY A 273 1.37 5.52 12.70
C GLY A 273 2.18 6.24 13.77
N TRP A 274 3.48 6.00 13.81
CA TRP A 274 4.33 6.52 14.89
C TRP A 274 4.77 7.96 14.63
N HIS A 275 4.91 8.73 15.71
CA HIS A 275 5.53 10.06 15.70
C HIS A 275 6.44 10.25 16.91
N PRO A 276 7.41 11.17 16.81
CA PRO A 276 8.19 11.54 17.99
C PRO A 276 7.40 12.44 18.92
N LYS A 277 7.49 12.19 20.23
CA LYS A 277 6.89 13.07 21.25
C LYS A 277 7.82 14.26 21.49
N THR A 278 7.66 15.29 20.66
CA THR A 278 8.48 16.51 20.72
C THR A 278 7.63 17.73 20.36
N GLY A 283 11.31 15.43 12.34
CA GLY A 283 12.19 14.57 11.55
C GLY A 283 13.14 13.74 12.39
N PRO A 284 14.10 13.02 11.75
CA PRO A 284 15.12 12.24 12.46
C PRO A 284 16.02 13.06 13.37
N SER A 285 16.26 12.57 14.58
CA SER A 285 17.13 13.22 15.56
C SER A 285 17.60 12.21 16.62
N PRO A 286 18.70 12.52 17.36
CA PRO A 286 19.21 11.61 18.40
C PRO A 286 18.18 11.18 19.45
N LEU A 287 17.35 12.11 19.90
CA LEU A 287 16.29 11.83 20.89
C LEU A 287 15.14 11.00 20.29
N ALA A 288 14.72 11.37 19.09
CA ALA A 288 13.61 10.69 18.39
C ALA A 288 13.98 9.28 17.92
N ASN A 289 15.21 9.11 17.43
CA ASN A 289 15.72 7.79 17.03
C ASN A 289 15.86 6.84 18.22
N LYS A 290 16.33 7.36 19.35
CA LYS A 290 16.40 6.61 20.61
C LYS A 290 15.01 6.18 21.10
N GLU A 291 14.02 7.07 20.93
CA GLU A 291 12.63 6.77 21.27
C GLU A 291 12.03 5.70 20.36
N LEU A 292 12.33 5.77 19.06
CA LEU A 292 11.83 4.80 18.07
C LEU A 292 12.40 3.41 18.29
N GLY A 293 13.66 3.32 18.72
CA GLY A 293 14.27 2.05 19.11
C GLY A 293 13.57 1.38 20.29
N ASN A 294 13.20 2.19 21.28
CA ASN A 294 12.46 1.71 22.46
C ASN A 294 11.01 1.31 22.12
N PHE A 295 10.40 2.01 21.16
CA PHE A 295 9.05 1.69 20.68
C PHE A 295 8.95 0.26 20.15
N PHE A 296 9.93 -0.15 19.35
CA PHE A 296 9.96 -1.50 18.78
C PHE A 296 10.36 -2.58 19.81
N ARG A 297 11.24 -2.22 20.75
CA ARG A 297 11.56 -3.09 21.89
C ARG A 297 10.33 -3.35 22.78
N ASN A 298 9.51 -2.32 22.98
CA ASN A 298 8.28 -2.45 23.77
C ASN A 298 7.19 -3.25 23.05
N LEU A 299 7.15 -3.16 21.71
CA LEU A 299 6.14 -3.86 20.91
C LEU A 299 6.48 -5.34 20.73
N TRP A 300 7.67 -5.62 20.21
CA TRP A 300 8.07 -6.99 19.86
C TRP A 300 8.69 -7.77 21.03
N GLY A 301 9.52 -7.09 21.83
CA GLY A 301 10.09 -7.68 23.05
C GLY A 301 11.61 -7.78 22.99
N PRO A 302 12.18 -8.88 23.53
CA PRO A 302 13.65 -9.01 23.61
C PRO A 302 14.34 -9.22 22.25
N TYR A 303 13.67 -9.89 21.32
CA TYR A 303 14.15 -10.05 19.94
C TYR A 303 13.50 -8.98 19.05
N ALA A 304 13.88 -7.73 19.25
CA ALA A 304 13.33 -6.60 18.50
C ALA A 304 14.00 -6.46 17.13
N GLY A 305 15.33 -6.52 17.13
CA GLY A 305 16.13 -6.43 15.90
C GLY A 305 15.90 -7.56 14.90
N TRP A 306 15.58 -8.75 15.40
CA TRP A 306 15.26 -9.90 14.56
C TRP A 306 13.95 -9.68 13.79
N ALA A 307 12.95 -9.10 14.45
CA ALA A 307 11.68 -8.72 13.82
C ALA A 307 11.87 -7.61 12.78
N GLN A 308 12.79 -6.69 13.04
CA GLN A 308 13.13 -5.61 12.08
C GLN A 308 13.71 -6.18 10.78
N ALA A 309 14.53 -7.22 10.88
CA ALA A 309 15.10 -7.90 9.73
C ALA A 309 14.03 -8.54 8.82
N VAL A 310 12.94 -9.02 9.41
CA VAL A 310 11.83 -9.60 8.66
C VAL A 310 11.11 -8.53 7.83
N LEU A 311 10.85 -7.38 8.44
CA LEU A 311 10.20 -6.24 7.76
C LEU A 311 11.07 -5.67 6.63
N PHE A 312 12.38 -5.61 6.87
CA PHE A 312 13.34 -5.17 5.84
C PHE A 312 13.34 -6.08 4.61
N SER A 313 13.25 -7.39 4.84
CA SER A 313 13.16 -8.38 3.75
C SER A 313 11.82 -8.28 3.00
N ALA A 314 10.75 -8.03 3.73
CA ALA A 314 9.40 -7.91 3.15
C ALA A 314 9.18 -6.59 2.42
N ASP A 315 9.76 -5.51 2.92
CA ASP A 315 9.64 -4.18 2.30
C ASP A 315 10.45 -4.13 0.99
N LEU A 316 11.74 -4.48 1.10
CA LEU A 316 12.64 -4.55 -0.06
C LEU A 316 12.55 -5.93 -0.70
N MET B 4 -16.74 10.23 -43.85
CA MET B 4 -15.35 9.72 -43.62
C MET B 4 -15.37 8.73 -42.43
N ARG B 5 -14.21 8.13 -42.15
CA ARG B 5 -14.08 7.11 -41.10
C ARG B 5 -12.73 7.15 -40.37
N HIS B 6 -12.67 6.48 -39.22
CA HIS B 6 -11.41 6.31 -38.46
C HIS B 6 -10.47 5.36 -39.19
N ARG B 7 -9.17 5.61 -39.08
CA ARG B 7 -8.14 4.84 -39.77
C ARG B 7 -7.44 3.83 -38.86
N THR B 8 -6.70 2.92 -39.49
CA THR B 8 -5.82 1.97 -38.81
C THR B 8 -4.57 1.78 -39.67
N LEU B 9 -3.44 1.50 -39.03
CA LEU B 9 -2.16 1.35 -39.72
C LEU B 9 -2.15 0.18 -40.69
N SER B 10 -2.70 -0.96 -40.26
CA SER B 10 -2.87 -2.13 -41.11
C SER B 10 -3.92 -1.92 -42.22
N SER B 11 -5.00 -1.21 -41.90
CA SER B 11 -6.10 -1.01 -42.83
C SER B 11 -5.76 -0.06 -44.00
N SER B 12 -5.22 1.11 -43.66
CA SER B 12 -4.93 2.16 -44.65
C SER B 12 -3.48 2.66 -44.50
N PRO B 13 -2.47 1.79 -44.75
CA PRO B 13 -1.06 2.09 -44.47
C PRO B 13 -0.43 3.26 -45.25
N ALA B 14 -0.98 3.60 -46.42
CA ALA B 14 -0.42 4.66 -47.26
C ALA B 14 -0.51 6.07 -46.65
N LEU B 15 -1.51 6.32 -45.81
CA LEU B 15 -1.77 7.65 -45.23
C LEU B 15 -1.16 7.89 -43.84
N TRP B 16 -0.23 7.03 -43.40
CA TRP B 16 0.44 7.18 -42.10
C TRP B 16 1.88 7.67 -42.26
N ALA B 17 2.40 8.28 -41.19
CA ALA B 17 3.81 8.68 -41.08
C ALA B 17 4.37 8.10 -39.78
N SER B 18 5.69 8.22 -39.61
CA SER B 18 6.38 7.66 -38.43
C SER B 18 7.49 8.58 -37.93
N ILE B 19 7.71 8.54 -36.60
CA ILE B 19 8.75 9.33 -35.93
C ILE B 19 9.56 8.37 -35.05
N PRO B 20 10.91 8.48 -35.05
CA PRO B 20 11.72 7.61 -34.19
C PRO B 20 11.56 7.96 -32.71
N CYS B 21 10.70 7.21 -32.03
CA CYS B 21 10.39 7.43 -30.61
C CYS B 21 10.03 6.09 -29.95
N PRO B 22 10.88 5.59 -29.03
CA PRO B 22 10.63 4.28 -28.42
C PRO B 22 9.52 4.29 -27.35
N ARG B 23 9.11 3.10 -26.93
CA ARG B 23 8.04 2.95 -25.92
C ARG B 23 8.47 3.44 -24.54
N SER B 24 9.77 3.32 -24.22
CA SER B 24 10.33 3.82 -22.95
C SER B 24 10.28 5.34 -22.82
N GLU B 25 10.39 6.05 -23.94
CA GLU B 25 10.31 7.53 -23.96
C GLU B 25 8.87 8.06 -23.94
N LEU B 26 7.93 7.29 -24.49
CA LEU B 26 6.52 7.68 -24.51
C LEU B 26 5.59 6.46 -24.60
N ARG B 27 4.62 6.40 -23.67
CA ARG B 27 3.53 5.43 -23.72
C ARG B 27 2.23 6.22 -23.84
N LEU B 28 1.51 6.00 -24.94
CA LEU B 28 0.29 6.78 -25.24
C LEU B 28 -0.86 6.49 -24.28
N ASP B 29 -0.95 5.24 -23.81
CA ASP B 29 -1.98 4.84 -22.84
C ASP B 29 -1.84 5.48 -21.45
N LEU B 30 -0.60 5.70 -21.01
CA LEU B 30 -0.33 6.31 -19.69
C LEU B 30 -0.25 7.85 -19.70
N VAL B 31 -0.36 8.47 -20.88
CA VAL B 31 -0.22 9.93 -21.03
C VAL B 31 -1.50 10.62 -21.55
N LEU B 32 -2.09 10.09 -22.62
CA LEU B 32 -3.21 10.76 -23.30
C LEU B 32 -4.53 10.77 -22.52
N ALA B 33 -4.73 9.78 -21.64
CA ALA B 33 -5.92 9.70 -20.79
C ALA B 33 -5.52 9.48 -19.32
N SER B 34 -4.64 10.36 -18.84
CA SER B 34 -4.15 10.33 -17.45
C SER B 34 -4.41 11.66 -16.72
N GLY B 35 -5.38 12.44 -17.20
CA GLY B 35 -5.74 13.71 -16.58
C GLY B 35 -4.87 14.90 -16.94
N GLN B 36 -4.27 14.88 -18.14
CA GLN B 36 -3.54 16.05 -18.69
C GLN B 36 -4.41 16.72 -19.74
N SER B 37 -4.74 15.95 -20.79
CA SER B 37 -5.63 16.40 -21.86
C SER B 37 -6.89 15.53 -21.85
N PHE B 38 -8.03 16.16 -22.09
CA PHE B 38 -9.33 15.48 -22.08
C PHE B 38 -9.97 15.49 -23.48
N ARG B 39 -9.13 15.33 -24.50
CA ARG B 39 -9.55 15.42 -25.91
C ARG B 39 -9.03 14.23 -26.74
N TRP B 40 -8.76 13.10 -26.09
CA TRP B 40 -8.21 11.91 -26.75
C TRP B 40 -8.95 10.65 -26.28
N LYS B 41 -9.37 9.82 -27.24
CA LYS B 41 -10.13 8.59 -26.95
C LYS B 41 -9.59 7.40 -27.74
N GLU B 42 -9.53 6.25 -27.08
CA GLU B 42 -9.11 4.99 -27.72
C GLU B 42 -10.34 4.32 -28.36
N GLN B 43 -10.46 4.43 -29.67
CA GLN B 43 -11.62 3.91 -30.40
C GLN B 43 -11.47 2.40 -30.64
N SER B 44 -10.37 2.02 -31.28
CA SER B 44 -9.99 0.62 -31.46
C SER B 44 -8.74 0.33 -30.63
N PRO B 45 -8.42 -0.96 -30.37
CA PRO B 45 -7.24 -1.30 -29.54
C PRO B 45 -5.92 -0.67 -30.02
N ALA B 46 -5.25 0.03 -29.10
CA ALA B 46 -3.97 0.69 -29.36
C ALA B 46 -4.01 1.77 -30.45
N HIS B 47 -5.12 2.53 -30.49
CA HIS B 47 -5.32 3.58 -31.49
C HIS B 47 -6.11 4.77 -30.91
N TRP B 48 -5.38 5.84 -30.59
CA TRP B 48 -5.93 7.00 -29.88
C TRP B 48 -6.20 8.16 -30.84
N SER B 49 -7.44 8.63 -30.89
CA SER B 49 -7.86 9.70 -31.79
C SER B 49 -8.24 10.97 -31.03
N GLY B 50 -7.84 12.13 -31.54
CA GLY B 50 -8.10 13.42 -30.87
C GLY B 50 -7.85 14.63 -31.74
N VAL B 51 -8.05 15.81 -31.15
CA VAL B 51 -7.96 17.11 -31.86
C VAL B 51 -6.72 17.89 -31.41
N LEU B 52 -6.14 18.65 -32.35
CA LEU B 52 -4.94 19.47 -32.11
C LEU B 52 -4.94 20.71 -33.00
N ALA B 53 -5.30 21.86 -32.42
CA ALA B 53 -5.24 23.17 -33.10
C ALA B 53 -6.03 23.20 -34.42
N ASP B 54 -7.32 22.88 -34.32
CA ASP B 54 -8.24 22.84 -35.48
C ASP B 54 -7.90 21.76 -36.52
N GLN B 55 -7.30 20.65 -36.06
CA GLN B 55 -6.98 19.50 -36.91
C GLN B 55 -7.13 18.20 -36.11
N VAL B 56 -7.72 17.18 -36.72
CA VAL B 56 -7.97 15.89 -36.06
C VAL B 56 -6.85 14.90 -36.39
N TRP B 57 -6.49 14.07 -35.40
CA TRP B 57 -5.39 13.10 -35.53
C TRP B 57 -5.83 11.70 -35.07
N THR B 58 -5.03 10.70 -35.44
CA THR B 58 -5.09 9.36 -34.85
C THR B 58 -3.65 8.85 -34.68
N LEU B 59 -3.36 8.32 -33.49
CA LEU B 59 -1.98 7.95 -33.10
C LEU B 59 -1.90 6.51 -32.60
N THR B 60 -0.78 5.85 -32.89
CA THR B 60 -0.47 4.51 -32.38
C THR B 60 1.05 4.36 -32.22
N GLN B 61 1.50 3.19 -31.75
CA GLN B 61 2.93 2.95 -31.55
C GLN B 61 3.30 1.46 -31.49
N THR B 62 4.52 1.17 -31.96
CA THR B 62 5.16 -0.13 -31.77
C THR B 62 6.13 0.01 -30.60
N GLU B 63 6.94 -1.03 -30.34
CA GLU B 63 7.97 -0.97 -29.31
C GLU B 63 9.07 0.06 -29.61
N ASP B 64 9.37 0.28 -30.89
CA ASP B 64 10.47 1.17 -31.31
C ASP B 64 10.04 2.51 -31.93
N GLN B 65 8.81 2.63 -32.42
CA GLN B 65 8.36 3.86 -33.12
C GLN B 65 6.92 4.28 -32.82
N LEU B 66 6.64 5.55 -33.16
CA LEU B 66 5.34 6.20 -32.94
C LEU B 66 4.71 6.55 -34.29
N TYR B 67 3.78 5.70 -34.77
CA TYR B 67 3.08 5.93 -36.03
C TYR B 67 1.89 6.87 -35.84
N CYS B 68 1.69 7.79 -36.78
CA CYS B 68 0.60 8.78 -36.70
C CYS B 68 -0.01 9.10 -38.06
N THR B 69 -1.23 9.65 -38.02
CA THR B 69 -1.96 10.08 -39.22
C THR B 69 -2.89 11.25 -38.89
N VAL B 70 -3.32 11.97 -39.93
CA VAL B 70 -4.04 13.24 -39.78
C VAL B 70 -5.28 13.32 -40.69
N TYR B 71 -6.31 14.02 -40.21
CA TYR B 71 -7.53 14.31 -40.98
C TYR B 71 -7.68 15.84 -41.04
N ARG B 72 -7.27 16.43 -42.16
CA ARG B 72 -7.31 17.88 -42.32
C ARG B 72 -8.73 18.40 -42.57
N GLY B 73 -9.44 17.75 -43.49
CA GLY B 73 -10.81 18.12 -43.83
C GLY B 73 -10.86 19.41 -44.63
N ASP B 74 -11.89 20.22 -44.38
CA ASP B 74 -12.10 21.50 -45.07
C ASP B 74 -12.25 21.35 -46.60
N ASP B 75 -12.85 20.24 -47.03
CA ASP B 75 -13.02 19.90 -48.45
C ASP B 75 -11.70 19.88 -49.23
N SER B 76 -10.68 19.25 -48.63
CA SER B 76 -9.33 19.19 -49.19
C SER B 76 -8.97 17.75 -49.60
N GLN B 77 -7.76 17.59 -50.14
CA GLN B 77 -7.28 16.29 -50.61
C GLN B 77 -6.79 15.44 -49.43
N VAL B 78 -6.94 14.12 -49.55
CA VAL B 78 -6.49 13.18 -48.52
C VAL B 78 -5.00 12.94 -48.72
N SER B 79 -4.24 12.96 -47.62
CA SER B 79 -2.78 12.85 -47.68
C SER B 79 -2.16 12.43 -46.35
N ARG B 80 -0.97 11.84 -46.42
CA ARG B 80 -0.18 11.50 -45.23
C ARG B 80 0.36 12.76 -44.54
N PRO B 81 0.72 12.68 -43.23
CA PRO B 81 1.19 13.86 -42.50
C PRO B 81 2.40 14.58 -43.12
N THR B 82 2.35 15.91 -43.18
CA THR B 82 3.43 16.73 -43.72
C THR B 82 4.54 16.95 -42.67
N LEU B 83 5.62 17.59 -43.08
CA LEU B 83 6.75 17.92 -42.18
C LEU B 83 6.32 18.81 -41.01
N GLU B 84 5.61 19.90 -41.32
CA GLU B 84 5.17 20.86 -40.30
C GLU B 84 4.18 20.26 -39.30
N GLU B 85 3.31 19.37 -39.80
CA GLU B 85 2.36 18.63 -38.95
C GLU B 85 3.06 17.64 -38.02
N LEU B 86 4.08 16.95 -38.53
CA LEU B 86 4.92 16.06 -37.71
C LEU B 86 5.74 16.83 -36.66
N GLU B 87 6.20 18.03 -37.01
CA GLU B 87 6.95 18.89 -36.10
C GLU B 87 6.10 19.41 -34.94
N THR B 88 4.84 19.76 -35.21
CA THR B 88 3.89 20.17 -34.16
C THR B 88 3.56 19.01 -33.20
N LEU B 89 3.48 17.79 -33.74
CA LEU B 89 3.29 16.59 -32.92
C LEU B 89 4.52 16.28 -32.06
N HIS B 90 5.71 16.55 -32.61
CA HIS B 90 6.97 16.39 -31.88
C HIS B 90 7.08 17.36 -30.69
N LYS B 91 6.67 18.61 -30.91
CA LYS B 91 6.62 19.63 -29.85
C LYS B 91 5.54 19.35 -28.79
N TYR B 92 4.42 18.76 -29.22
CA TYR B 92 3.31 18.42 -28.33
C TYR B 92 3.71 17.41 -27.24
N PHE B 93 4.42 16.35 -27.65
CA PHE B 93 4.94 15.34 -26.71
C PHE B 93 6.28 15.73 -26.04
N GLN B 94 6.90 16.82 -26.48
CA GLN B 94 8.16 17.32 -25.90
C GLN B 94 9.26 16.26 -25.92
N LEU B 95 9.51 15.72 -27.11
CA LEU B 95 10.47 14.62 -27.29
C LEU B 95 11.94 15.05 -27.29
N ASP B 96 12.20 16.36 -27.32
CA ASP B 96 13.55 16.89 -27.05
C ASP B 96 14.02 16.57 -25.63
N VAL B 97 13.09 16.56 -24.68
CA VAL B 97 13.40 16.26 -23.27
C VAL B 97 13.65 14.76 -23.12
N SER B 98 14.84 14.41 -22.65
CA SER B 98 15.23 13.01 -22.44
C SER B 98 14.60 12.48 -21.15
N LEU B 99 13.71 11.51 -21.29
CA LEU B 99 13.01 10.90 -20.15
C LEU B 99 13.89 9.90 -19.40
N ALA B 100 14.82 9.25 -20.10
CA ALA B 100 15.78 8.33 -19.48
C ALA B 100 16.72 9.03 -18.50
N GLN B 101 17.16 10.24 -18.85
CA GLN B 101 18.00 11.06 -17.96
C GLN B 101 17.24 11.56 -16.72
N LEU B 102 15.97 11.95 -16.91
CA LEU B 102 15.13 12.41 -15.80
C LEU B 102 14.80 11.28 -14.82
N TYR B 103 14.36 10.14 -15.36
CA TYR B 103 14.12 8.92 -14.55
C TYR B 103 15.35 8.49 -13.74
N SER B 104 16.53 8.66 -14.34
CA SER B 104 17.80 8.34 -13.65
C SER B 104 18.10 9.31 -12.50
N HIS B 105 17.88 10.60 -12.72
CA HIS B 105 18.08 11.62 -11.69
C HIS B 105 17.10 11.47 -10.52
N TRP B 106 15.83 11.22 -10.84
CA TRP B 106 14.80 11.06 -9.82
C TRP B 106 15.03 9.81 -8.97
N ALA B 107 15.35 8.69 -9.63
CA ALA B 107 15.62 7.43 -8.94
C ALA B 107 16.83 7.48 -8.00
N SER B 108 17.84 8.27 -8.36
CA SER B 108 19.06 8.42 -7.55
C SER B 108 18.81 9.20 -6.25
N VAL B 109 18.06 10.29 -6.35
CA VAL B 109 17.74 11.14 -5.19
C VAL B 109 16.48 10.70 -4.40
N ASP B 110 15.74 9.72 -4.91
CA ASP B 110 14.47 9.28 -4.30
C ASP B 110 14.35 7.75 -4.35
N SER B 111 14.38 7.11 -3.17
CA SER B 111 14.27 5.65 -3.06
C SER B 111 12.88 5.11 -3.39
N HIS B 112 11.84 5.85 -3.00
CA HIS B 112 10.46 5.50 -3.32
C HIS B 112 10.18 5.53 -4.83
N PHE B 113 10.78 6.50 -5.52
CA PHE B 113 10.64 6.63 -6.97
C PHE B 113 11.29 5.48 -7.73
N GLN B 114 12.43 4.99 -7.23
CA GLN B 114 13.13 3.86 -7.85
C GLN B 114 12.30 2.56 -7.86
N ARG B 115 11.47 2.38 -6.82
CA ARG B 115 10.60 1.21 -6.73
C ARG B 115 9.40 1.31 -7.67
N VAL B 116 8.73 2.46 -7.66
CA VAL B 116 7.48 2.66 -8.41
C VAL B 116 7.71 2.88 -9.91
N ALA B 117 8.75 3.64 -10.27
CA ALA B 117 8.98 4.05 -11.66
C ALA B 117 9.44 2.95 -12.63
N GLN B 118 9.85 1.78 -12.12
CA GLN B 118 10.21 0.64 -12.97
C GLN B 118 9.02 0.11 -13.77
N LYS B 119 7.87 -0.01 -13.13
CA LYS B 119 6.65 -0.53 -13.77
C LYS B 119 5.89 0.49 -14.63
N PHE B 120 6.26 1.78 -14.56
CA PHE B 120 5.58 2.85 -15.30
C PHE B 120 6.56 3.77 -16.01
N GLN B 121 7.11 3.28 -17.13
CA GLN B 121 7.98 4.09 -18.00
C GLN B 121 7.15 4.84 -19.05
N GLY B 122 7.79 5.79 -19.72
CA GLY B 122 7.16 6.54 -20.81
C GLY B 122 6.07 7.52 -20.41
N VAL B 123 6.10 7.97 -19.16
CA VAL B 123 5.16 8.98 -18.68
C VAL B 123 5.84 10.34 -18.82
N ARG B 124 5.14 11.29 -19.42
CA ARG B 124 5.69 12.61 -19.75
C ARG B 124 4.56 13.65 -19.85
N LEU B 125 4.94 14.91 -19.71
CA LEU B 125 3.97 16.02 -19.80
C LEU B 125 3.79 16.45 -21.26
N LEU B 126 2.53 16.69 -21.64
CA LEU B 126 2.22 17.25 -22.95
C LEU B 126 2.39 18.76 -22.90
N ARG B 127 2.58 19.37 -24.07
CA ARG B 127 2.67 20.83 -24.21
C ARG B 127 1.39 21.32 -24.90
N GLN B 128 0.40 21.64 -24.08
CA GLN B 128 -0.94 21.99 -24.56
C GLN B 128 -1.08 23.49 -24.84
N ASP B 129 -2.14 23.84 -25.53
CA ASP B 129 -2.49 25.24 -25.79
C ASP B 129 -2.92 25.90 -24.46
N PRO B 130 -2.45 27.13 -24.18
CA PRO B 130 -2.87 27.85 -22.96
C PRO B 130 -4.38 28.03 -22.80
N THR B 131 -5.08 28.38 -23.88
CA THR B 131 -6.53 28.57 -23.85
C THR B 131 -7.26 27.26 -23.58
N GLU B 132 -6.88 26.20 -24.30
CA GLU B 132 -7.46 24.86 -24.09
C GLU B 132 -7.20 24.32 -22.69
N CYS B 133 -5.97 24.51 -22.20
CA CYS B 133 -5.57 24.05 -20.87
C CYS B 133 -6.25 24.83 -19.74
N LEU B 134 -6.42 26.13 -19.92
CA LEU B 134 -7.05 27.01 -18.92
C LEU B 134 -8.49 26.57 -18.60
N PHE B 135 -9.36 26.61 -19.61
CA PHE B 135 -10.78 26.34 -19.42
C PHE B 135 -11.11 24.87 -19.19
N SER B 136 -10.22 23.96 -19.60
CA SER B 136 -10.37 22.53 -19.29
C SER B 136 -10.15 22.24 -17.80
N PHE B 137 -9.22 22.95 -17.17
CA PHE B 137 -8.93 22.78 -15.73
C PHE B 137 -9.76 23.68 -14.81
N ILE B 138 -10.49 24.64 -15.38
CA ILE B 138 -11.61 25.30 -14.66
C ILE B 138 -12.75 24.28 -14.48
N CYS B 139 -12.94 23.40 -15.47
CA CYS B 139 -13.95 22.33 -15.40
C CYS B 139 -13.57 21.11 -14.57
N SER B 140 -12.35 21.06 -14.03
CA SER B 140 -11.84 19.89 -13.31
C SER B 140 -12.16 19.85 -11.81
N SER B 141 -12.58 20.98 -11.23
CA SER B 141 -12.83 21.08 -9.79
C SER B 141 -14.04 20.24 -9.36
N ASN B 142 -13.83 19.40 -8.34
CA ASN B 142 -14.84 18.43 -7.86
C ASN B 142 -15.34 17.53 -9.00
N ASN B 143 -14.39 16.82 -9.62
CA ASN B 143 -14.66 16.07 -10.84
C ASN B 143 -13.64 14.93 -11.03
N ASN B 144 -13.89 14.09 -12.03
CA ASN B 144 -12.99 12.98 -12.40
C ASN B 144 -12.78 12.91 -13.91
N ILE B 145 -11.82 12.09 -14.34
CA ILE B 145 -11.34 12.09 -15.74
C ILE B 145 -12.46 11.85 -16.76
N ALA B 146 -13.34 10.88 -16.48
CA ALA B 146 -14.44 10.53 -17.39
C ALA B 146 -15.45 11.65 -17.55
N ARG B 147 -15.89 12.23 -16.42
CA ARG B 147 -16.90 13.30 -16.44
C ARG B 147 -16.38 14.65 -16.96
N ILE B 148 -15.08 14.91 -16.83
CA ILE B 148 -14.46 16.11 -17.40
C ILE B 148 -14.40 16.01 -18.94
N THR B 149 -14.09 14.82 -19.45
CA THR B 149 -14.05 14.56 -20.90
C THR B 149 -15.39 14.89 -21.59
N GLY B 150 -16.49 14.54 -20.93
CA GLY B 150 -17.83 14.86 -21.42
C GLY B 150 -18.14 16.35 -21.47
N MET B 151 -17.78 17.06 -20.38
CA MET B 151 -18.00 18.51 -20.28
C MET B 151 -17.24 19.30 -21.35
N VAL B 152 -15.97 18.95 -21.57
CA VAL B 152 -15.12 19.62 -22.56
C VAL B 152 -15.59 19.29 -23.99
N GLU B 153 -16.06 18.08 -24.21
CA GLU B 153 -16.63 17.67 -25.51
C GLU B 153 -17.88 18.47 -25.86
N ARG B 154 -18.80 18.59 -24.91
CA ARG B 154 -20.02 19.39 -25.08
C ARG B 154 -19.74 20.90 -25.18
N LEU B 155 -18.67 21.36 -24.54
CA LEU B 155 -18.24 22.76 -24.59
C LEU B 155 -17.77 23.16 -25.99
N CYS B 156 -16.96 22.32 -26.62
CA CYS B 156 -16.39 22.60 -27.94
C CYS B 156 -17.44 22.60 -29.07
N GLN B 157 -18.40 21.67 -29.00
CA GLN B 157 -19.48 21.56 -29.99
C GLN B 157 -20.36 22.81 -30.06
N ALA B 158 -20.68 23.38 -28.90
CA ALA B 158 -21.58 24.54 -28.80
C ALA B 158 -20.96 25.82 -29.34
N PHE B 159 -19.78 26.16 -28.82
CA PHE B 159 -19.13 27.45 -29.09
C PHE B 159 -18.05 27.40 -30.18
N GLY B 160 -17.25 26.33 -30.18
CA GLY B 160 -16.15 26.19 -31.13
C GLY B 160 -16.58 25.85 -32.55
N PRO B 161 -15.66 25.97 -33.53
CA PRO B 161 -16.02 25.68 -34.93
C PRO B 161 -15.98 24.17 -35.26
N ARG B 162 -16.86 23.74 -36.15
CA ARG B 162 -16.92 22.35 -36.60
C ARG B 162 -15.76 22.07 -37.56
N LEU B 163 -15.18 20.87 -37.44
CA LEU B 163 -14.02 20.47 -38.25
C LEU B 163 -14.38 19.39 -39.27
N ILE B 164 -14.58 18.16 -38.82
CA ILE B 164 -14.83 17.02 -39.71
C ILE B 164 -15.41 15.82 -38.94
N GLN B 165 -16.30 15.07 -39.59
CA GLN B 165 -17.00 13.94 -38.97
C GLN B 165 -16.40 12.60 -39.37
N LEU B 166 -16.10 11.76 -38.37
CA LEU B 166 -15.65 10.37 -38.57
C LEU B 166 -16.80 9.43 -38.14
N ASP B 167 -16.57 8.11 -38.20
CA ASP B 167 -17.61 7.07 -37.99
C ASP B 167 -18.88 7.54 -37.28
N ASP B 168 -18.76 7.89 -36.00
CA ASP B 168 -19.89 8.39 -35.20
C ASP B 168 -19.52 9.58 -34.29
N VAL B 169 -18.40 10.24 -34.56
CA VAL B 169 -17.88 11.32 -33.70
C VAL B 169 -17.70 12.59 -34.53
N THR B 170 -18.46 13.62 -34.17
CA THR B 170 -18.36 14.94 -34.82
C THR B 170 -17.35 15.80 -34.03
N TYR B 171 -16.13 15.85 -34.53
CA TYR B 171 -15.04 16.58 -33.87
C TYR B 171 -15.15 18.09 -34.06
N HIS B 172 -14.74 18.83 -33.04
CA HIS B 172 -14.78 20.30 -33.03
C HIS B 172 -13.47 20.88 -32.52
N GLY B 173 -13.12 22.08 -33.01
CA GLY B 173 -11.99 22.83 -32.49
C GLY B 173 -12.36 23.53 -31.18
N PHE B 174 -11.35 23.91 -30.40
CA PHE B 174 -11.57 24.57 -29.11
C PHE B 174 -11.90 26.05 -29.34
N PRO B 175 -12.95 26.58 -28.66
CA PRO B 175 -13.38 27.95 -28.92
C PRO B 175 -12.43 29.03 -28.38
N ASN B 176 -12.42 30.17 -29.07
CA ASN B 176 -11.64 31.35 -28.64
C ASN B 176 -12.36 32.11 -27.52
N LEU B 177 -11.73 33.17 -27.03
CA LEU B 177 -12.26 33.95 -25.91
C LEU B 177 -13.55 34.72 -26.23
N HIS B 178 -13.69 35.19 -27.47
CA HIS B 178 -14.91 35.86 -27.93
C HIS B 178 -16.14 34.95 -27.92
N ALA B 179 -15.94 33.67 -28.25
CA ALA B 179 -17.02 32.67 -28.25
C ALA B 179 -17.47 32.32 -26.82
N LEU B 180 -16.50 32.11 -25.93
CA LEU B 180 -16.79 31.79 -24.53
C LEU B 180 -17.31 32.99 -23.71
N ALA B 181 -17.06 34.20 -24.19
CA ALA B 181 -17.57 35.43 -23.54
C ALA B 181 -18.83 35.95 -24.23
N GLY B 182 -19.84 35.09 -24.32
CA GLY B 182 -21.13 35.42 -24.93
C GLY B 182 -22.22 35.56 -23.88
N PRO B 183 -23.20 36.48 -24.09
CA PRO B 183 -24.30 36.70 -23.13
C PRO B 183 -25.01 35.45 -22.60
N GLU B 184 -25.24 34.46 -23.47
CA GLU B 184 -25.94 33.22 -23.11
C GLU B 184 -24.97 32.02 -23.03
N ALA B 185 -23.74 32.27 -22.59
CA ALA B 185 -22.71 31.22 -22.51
C ALA B 185 -22.90 30.35 -21.26
N GLU B 186 -23.09 31.01 -20.11
CA GLU B 186 -23.29 30.33 -18.83
C GLU B 186 -24.54 29.46 -18.81
N THR B 187 -25.63 29.98 -19.37
CA THR B 187 -26.91 29.25 -19.42
C THR B 187 -26.82 27.98 -20.28
N HIS B 188 -26.18 28.09 -21.43
CA HIS B 188 -26.03 26.96 -22.37
C HIS B 188 -25.02 25.92 -21.86
N LEU B 189 -23.95 26.38 -21.20
CA LEU B 189 -23.00 25.49 -20.54
C LEU B 189 -23.63 24.75 -19.34
N ARG B 190 -24.46 25.45 -18.57
CA ARG B 190 -25.28 24.83 -17.51
C ARG B 190 -26.30 23.85 -18.10
N LYS B 191 -26.87 24.21 -19.25
CA LYS B 191 -27.77 23.31 -20.01
C LYS B 191 -27.04 22.03 -20.46
N LEU B 192 -25.78 22.17 -20.84
CA LEU B 192 -24.91 21.01 -21.12
C LEU B 192 -24.66 20.20 -19.84
N GLY B 193 -24.30 20.90 -18.76
CA GLY B 193 -24.17 20.31 -17.42
C GLY B 193 -22.83 20.55 -16.74
N LEU B 194 -22.42 21.82 -16.66
CA LEU B 194 -21.20 22.23 -15.96
C LEU B 194 -21.53 22.74 -14.55
N GLY B 195 -22.54 23.60 -14.45
CA GLY B 195 -23.00 24.13 -13.17
C GLY B 195 -22.24 25.40 -12.80
N TYR B 196 -21.65 25.40 -11.61
CA TYR B 196 -20.84 26.55 -11.13
C TYR B 196 -19.61 26.83 -11.99
N ARG B 197 -19.05 25.78 -12.60
CA ARG B 197 -17.91 25.88 -13.50
C ARG B 197 -18.20 26.82 -14.69
N ALA B 198 -19.41 26.74 -15.24
CA ALA B 198 -19.85 27.59 -16.35
C ALA B 198 -19.80 29.09 -16.05
N ARG B 199 -20.03 29.47 -14.79
CA ARG B 199 -19.91 30.86 -14.34
C ARG B 199 -18.48 31.37 -14.46
N TYR B 200 -17.52 30.53 -14.06
CA TYR B 200 -16.09 30.88 -14.11
C TYR B 200 -15.52 30.90 -15.53
N VAL B 201 -16.11 30.12 -16.45
CA VAL B 201 -15.67 30.09 -17.86
C VAL B 201 -15.88 31.45 -18.53
N ARG B 202 -17.07 32.02 -18.38
CA ARG B 202 -17.38 33.34 -18.97
C ARG B 202 -16.61 34.47 -18.28
N ALA B 203 -16.56 34.44 -16.96
CA ALA B 203 -15.89 35.49 -16.18
C ALA B 203 -14.38 35.54 -16.45
N SER B 204 -13.75 34.38 -16.57
CA SER B 204 -12.32 34.30 -16.93
C SER B 204 -12.07 34.71 -18.38
N ALA B 205 -12.94 34.27 -19.29
CA ALA B 205 -12.85 34.63 -20.71
C ALA B 205 -13.07 36.13 -20.94
N LYS B 206 -14.04 36.70 -20.24
CA LYS B 206 -14.33 38.15 -20.30
C LYS B 206 -13.22 38.99 -19.67
N ALA B 207 -12.64 38.49 -18.59
CA ALA B 207 -11.56 39.21 -17.88
C ALA B 207 -10.26 39.31 -18.70
N ILE B 208 -9.93 38.25 -19.44
CA ILE B 208 -8.72 38.22 -20.28
C ILE B 208 -8.84 39.20 -21.46
N LEU B 209 -10.00 39.21 -22.12
CA LEU B 209 -10.26 40.15 -23.22
C LEU B 209 -10.30 41.61 -22.75
N GLU B 210 -11.07 41.87 -21.69
CA GLU B 210 -11.28 43.24 -21.20
C GLU B 210 -10.08 43.76 -20.41
N GLU B 211 -9.77 43.12 -19.29
CA GLU B 211 -8.78 43.62 -18.33
C GLU B 211 -7.33 43.38 -18.77
N GLN B 212 -7.03 42.15 -19.15
CA GLN B 212 -5.64 41.72 -19.37
C GLN B 212 -5.07 42.13 -20.74
N GLY B 213 -5.91 42.06 -21.78
CA GLY B 213 -5.55 42.51 -23.13
C GLY B 213 -5.43 41.40 -24.15
N GLY B 214 -6.55 40.69 -24.37
CA GLY B 214 -6.65 39.68 -25.42
C GLY B 214 -5.97 38.36 -25.13
N PRO B 215 -5.99 37.43 -26.10
CA PRO B 215 -5.32 36.12 -25.95
C PRO B 215 -3.78 36.16 -25.90
N ALA B 216 -3.18 37.27 -26.31
CA ALA B 216 -1.72 37.48 -26.20
C ALA B 216 -1.19 37.46 -24.76
N TRP B 217 -2.06 37.77 -23.79
CA TRP B 217 -1.72 37.71 -22.36
C TRP B 217 -1.27 36.31 -21.89
N LEU B 218 -1.91 35.27 -22.42
CA LEU B 218 -1.53 33.88 -22.10
C LEU B 218 -0.16 33.49 -22.66
N GLN B 219 0.22 34.08 -23.80
CA GLN B 219 1.55 33.89 -24.38
C GLN B 219 2.64 34.61 -23.57
N GLN B 220 2.29 35.74 -22.95
CA GLN B 220 3.21 36.44 -22.03
C GLN B 220 3.55 35.61 -20.79
N LEU B 221 2.58 34.85 -20.28
CA LEU B 221 2.79 33.96 -19.13
C LEU B 221 3.68 32.76 -19.46
N ARG B 222 3.62 32.29 -20.70
CA ARG B 222 4.51 31.22 -21.20
C ARG B 222 5.98 31.66 -21.18
N VAL B 223 6.23 32.92 -21.55
CA VAL B 223 7.58 33.49 -21.55
C VAL B 223 8.00 33.97 -20.14
N ALA B 224 7.06 34.53 -19.39
CA ALA B 224 7.32 35.05 -18.03
C ALA B 224 7.76 33.95 -17.04
N PRO B 225 8.42 34.35 -15.93
CA PRO B 225 8.83 33.36 -14.92
C PRO B 225 7.67 32.70 -14.16
N TYR B 226 7.96 31.56 -13.54
CA TYR B 226 6.97 30.73 -12.83
C TYR B 226 6.18 31.48 -11.75
N GLU B 227 6.90 32.22 -10.91
CA GLU B 227 6.29 32.96 -9.80
C GLU B 227 5.32 34.05 -10.28
N GLU B 228 5.69 34.73 -11.37
CA GLU B 228 4.82 35.73 -12.01
C GLU B 228 3.64 35.09 -12.74
N ALA B 229 3.90 33.97 -13.42
CA ALA B 229 2.87 33.25 -14.18
C ALA B 229 1.78 32.64 -13.29
N HIS B 230 2.18 32.06 -12.16
CA HIS B 230 1.24 31.49 -11.19
C HIS B 230 0.39 32.55 -10.52
N LYS B 231 1.02 33.65 -10.11
CA LYS B 231 0.32 34.80 -9.52
C LYS B 231 -0.66 35.45 -10.49
N ALA B 232 -0.30 35.49 -11.78
CA ALA B 232 -1.14 36.06 -12.82
C ALA B 232 -2.43 35.26 -13.06
N LEU B 233 -2.32 33.93 -13.08
CA LEU B 233 -3.48 33.06 -13.27
C LEU B 233 -4.45 33.04 -12.09
N CYS B 234 -3.94 33.18 -10.87
CA CYS B 234 -4.77 33.14 -9.66
C CYS B 234 -5.78 34.30 -9.53
N THR B 235 -5.49 35.43 -10.17
CA THR B 235 -6.43 36.57 -10.20
C THR B 235 -7.69 36.30 -11.03
N LEU B 236 -7.66 35.30 -11.92
CA LEU B 236 -8.84 34.90 -12.68
C LEU B 236 -9.85 34.17 -11.76
N PRO B 237 -11.15 34.29 -12.06
CA PRO B 237 -12.18 33.60 -11.27
C PRO B 237 -12.24 32.10 -11.61
N GLY B 238 -12.40 31.27 -10.58
CA GLY B 238 -12.39 29.82 -10.73
C GLY B 238 -11.00 29.19 -10.87
N VAL B 239 -9.95 29.97 -10.57
CA VAL B 239 -8.57 29.52 -10.68
C VAL B 239 -7.86 29.81 -9.36
N GLY B 240 -7.65 28.76 -8.57
CA GLY B 240 -6.87 28.85 -7.34
C GLY B 240 -5.41 28.53 -7.57
N ALA B 241 -4.73 28.10 -6.52
CA ALA B 241 -3.33 27.68 -6.60
C ALA B 241 -3.16 26.38 -7.38
N LYS B 242 -4.09 25.44 -7.21
CA LYS B 242 -4.02 24.12 -7.82
C LYS B 242 -4.25 24.13 -9.33
N VAL B 243 -5.23 24.92 -9.78
CA VAL B 243 -5.54 25.06 -11.20
C VAL B 243 -4.42 25.83 -11.93
N ALA B 244 -3.90 26.89 -11.28
CA ALA B 244 -2.81 27.68 -11.82
C ALA B 244 -1.52 26.87 -12.02
N ASP B 245 -1.21 26.00 -11.06
CA ASP B 245 -0.04 25.10 -11.17
C ASP B 245 -0.20 24.06 -12.29
N CYS B 246 -1.43 23.57 -12.49
CA CYS B 246 -1.73 22.65 -13.61
C CYS B 246 -1.50 23.33 -14.97
N ILE B 247 -1.97 24.57 -15.10
CA ILE B 247 -1.82 25.36 -16.33
C ILE B 247 -0.35 25.71 -16.56
N CYS B 248 0.34 26.11 -15.49
CA CYS B 248 1.79 26.40 -15.54
C CYS B 248 2.61 25.21 -16.03
N LEU B 249 2.34 24.03 -15.46
CA LEU B 249 3.05 22.80 -15.80
C LEU B 249 2.77 22.31 -17.22
N MET B 250 1.49 22.30 -17.60
CA MET B 250 1.03 21.64 -18.83
C MET B 250 0.98 22.52 -20.07
N ALA B 251 0.86 23.83 -19.89
CA ALA B 251 0.73 24.79 -21.00
C ALA B 251 1.83 25.85 -21.09
N LEU B 252 2.23 26.42 -19.95
CA LEU B 252 3.14 27.58 -19.93
C LEU B 252 4.63 27.25 -19.75
N ASP B 253 5.02 25.99 -19.95
CA ASP B 253 6.44 25.56 -19.91
C ASP B 253 7.10 25.83 -18.55
N LYS B 254 6.48 25.30 -17.49
CA LYS B 254 6.98 25.43 -16.12
C LYS B 254 7.10 24.01 -15.51
N PRO B 255 8.16 23.27 -15.87
CA PRO B 255 8.30 21.88 -15.39
C PRO B 255 8.45 21.73 -13.87
N GLN B 256 8.89 22.79 -13.18
CA GLN B 256 8.97 22.79 -11.71
C GLN B 256 7.64 22.96 -10.98
N ALA B 257 6.56 23.30 -11.69
CA ALA B 257 5.25 23.51 -11.08
C ALA B 257 4.64 22.20 -10.56
N VAL B 258 4.15 22.24 -9.31
CA VAL B 258 3.58 21.08 -8.64
C VAL B 258 2.16 21.43 -8.15
N PRO B 259 1.11 20.98 -8.90
CA PRO B 259 -0.26 21.14 -8.39
C PRO B 259 -0.51 20.31 -7.14
N VAL B 260 -0.88 20.96 -6.04
CA VAL B 260 -1.11 20.31 -4.76
C VAL B 260 -2.60 20.23 -4.46
N ASP B 261 -3.09 19.02 -4.21
CA ASP B 261 -4.47 18.76 -3.77
C ASP B 261 -4.47 17.68 -2.69
N VAL B 262 -5.66 17.18 -2.32
CA VAL B 262 -5.81 16.09 -1.35
C VAL B 262 -4.96 14.84 -1.67
N HIS B 263 -4.86 14.49 -2.94
CA HIS B 263 -4.13 13.29 -3.37
C HIS B 263 -2.60 13.41 -3.20
N VAL B 264 -2.07 14.61 -3.42
CA VAL B 264 -0.63 14.86 -3.23
C VAL B 264 -0.28 14.85 -1.75
N TRP B 265 -1.14 15.46 -0.93
CA TRP B 265 -1.05 15.34 0.54
C TRP B 265 -0.97 13.88 1.01
N GLN B 266 -1.84 13.04 0.45
CA GLN B 266 -1.90 11.62 0.81
C GLN B 266 -0.63 10.85 0.40
N ILE B 267 -0.14 11.10 -0.80
CA ILE B 267 1.13 10.51 -1.28
C ILE B 267 2.31 10.99 -0.43
N ALA B 268 2.41 12.31 -0.26
CA ALA B 268 3.52 12.93 0.51
C ALA B 268 3.55 12.45 1.95
N HIS B 269 2.38 12.35 2.57
CA HIS B 269 2.24 11.88 3.94
C HIS B 269 2.59 10.39 4.05
N ARG B 270 1.95 9.57 3.23
CA ARG B 270 2.09 8.11 3.31
C ARG B 270 3.48 7.61 2.88
N ASP B 271 3.94 8.05 1.71
CA ASP B 271 5.17 7.54 1.10
C ASP B 271 6.45 8.28 1.49
N TYR B 272 6.32 9.55 1.91
CA TYR B 272 7.47 10.38 2.30
C TYR B 272 7.47 10.87 3.77
N GLY B 273 6.42 10.55 4.53
CA GLY B 273 6.33 10.94 5.95
C GLY B 273 6.28 12.44 6.21
N TRP B 274 5.68 13.18 5.29
CA TRP B 274 5.70 14.64 5.34
C TRP B 274 4.57 15.22 6.21
N HIS B 275 4.90 16.29 6.94
CA HIS B 275 3.92 17.11 7.66
C HIS B 275 4.20 18.60 7.43
N PRO B 276 3.18 19.46 7.61
CA PRO B 276 3.44 20.90 7.59
C PRO B 276 4.15 21.39 8.86
N LYS B 277 4.85 22.50 8.76
CA LYS B 277 5.61 23.07 9.88
C LYS B 277 4.70 23.73 10.90
N GLY B 283 -3.64 19.92 8.61
CA GLY B 283 -4.42 19.62 7.41
C GLY B 283 -4.12 20.56 6.24
N PRO B 284 -4.85 20.41 5.12
CA PRO B 284 -4.68 21.29 3.95
C PRO B 284 -5.00 22.77 4.20
N SER B 285 -4.13 23.65 3.73
CA SER B 285 -4.33 25.10 3.82
C SER B 285 -3.49 25.80 2.74
N PRO B 286 -3.79 27.08 2.41
CA PRO B 286 -3.03 27.80 1.37
C PRO B 286 -1.51 27.80 1.55
N LEU B 287 -1.05 28.09 2.77
CA LEU B 287 0.39 28.11 3.09
C LEU B 287 1.01 26.71 3.14
N ALA B 288 0.28 25.75 3.69
CA ALA B 288 0.74 24.35 3.76
C ALA B 288 0.81 23.69 2.39
N ASN B 289 -0.11 24.02 1.50
CA ASN B 289 -0.07 23.58 0.10
C ASN B 289 1.14 24.14 -0.64
N LYS B 290 1.44 25.42 -0.41
CA LYS B 290 2.63 26.07 -0.97
C LYS B 290 3.92 25.42 -0.47
N GLU B 291 3.96 25.10 0.82
CA GLU B 291 5.09 24.41 1.44
C GLU B 291 5.33 23.03 0.81
N LEU B 292 4.26 22.29 0.58
CA LEU B 292 4.33 20.96 -0.02
C LEU B 292 4.81 20.97 -1.48
N GLY B 293 4.48 22.05 -2.21
CA GLY B 293 5.02 22.27 -3.55
C GLY B 293 6.53 22.46 -3.57
N ASN B 294 7.04 23.22 -2.60
CA ASN B 294 8.48 23.46 -2.46
C ASN B 294 9.25 22.19 -2.05
N PHE B 295 8.63 21.37 -1.21
CA PHE B 295 9.21 20.09 -0.77
C PHE B 295 9.59 19.20 -1.96
N PHE B 296 8.65 19.03 -2.89
CA PHE B 296 8.89 18.17 -4.07
C PHE B 296 9.88 18.78 -5.06
N ARG B 297 9.89 20.10 -5.20
CA ARG B 297 10.92 20.80 -5.98
C ARG B 297 12.33 20.61 -5.39
N ASN B 298 12.44 20.65 -4.06
CA ASN B 298 13.72 20.37 -3.38
C ASN B 298 14.16 18.91 -3.54
N LEU B 299 13.19 17.99 -3.53
CA LEU B 299 13.48 16.57 -3.66
C LEU B 299 13.88 16.19 -5.10
N TRP B 300 13.02 16.51 -6.06
CA TRP B 300 13.19 16.06 -7.45
C TRP B 300 13.97 17.01 -8.34
N GLY B 301 13.83 18.32 -8.12
CA GLY B 301 14.59 19.33 -8.86
C GLY B 301 13.73 20.14 -9.81
N PRO B 302 14.30 20.63 -10.94
CA PRO B 302 13.59 21.56 -11.82
C PRO B 302 12.46 20.93 -12.67
N TYR B 303 12.43 19.61 -12.78
CA TYR B 303 11.32 18.89 -13.43
C TYR B 303 10.48 18.12 -12.39
N ALA B 304 10.08 18.83 -11.34
CA ALA B 304 9.32 18.24 -10.24
C ALA B 304 7.91 17.81 -10.66
N GLY B 305 7.25 18.65 -11.45
CA GLY B 305 5.93 18.34 -12.01
C GLY B 305 5.90 17.12 -12.90
N TRP B 306 7.01 16.85 -13.60
CA TRP B 306 7.14 15.66 -14.45
C TRP B 306 7.24 14.40 -13.60
N ALA B 307 8.08 14.45 -12.56
CA ALA B 307 8.21 13.34 -11.59
C ALA B 307 6.88 12.99 -10.92
N GLN B 308 6.09 14.01 -10.60
CA GLN B 308 4.75 13.85 -10.03
C GLN B 308 3.83 13.07 -10.96
N ALA B 309 3.88 13.38 -12.26
CA ALA B 309 3.08 12.69 -13.28
C ALA B 309 3.34 11.18 -13.35
N VAL B 310 4.57 10.77 -13.04
CA VAL B 310 4.93 9.35 -12.97
C VAL B 310 4.24 8.69 -11.78
N LEU B 311 4.18 9.39 -10.64
CA LEU B 311 3.52 8.86 -9.43
C LEU B 311 2.00 8.78 -9.54
N PHE B 312 1.37 9.74 -10.22
CA PHE B 312 -0.08 9.69 -10.46
C PHE B 312 -0.49 8.49 -11.31
N SER B 313 0.28 8.20 -12.36
CA SER B 313 0.02 7.05 -13.24
C SER B 313 0.09 5.69 -12.52
N ALA B 314 0.90 5.61 -11.45
CA ALA B 314 0.93 4.43 -10.58
C ALA B 314 -0.37 4.26 -9.79
N ASP B 315 -0.91 5.37 -9.28
CA ASP B 315 -2.18 5.38 -8.54
C ASP B 315 -3.39 5.06 -9.44
N LEU B 316 -3.35 5.52 -10.70
CA LEU B 316 -4.39 5.20 -11.69
C LEU B 316 -4.32 3.73 -12.11
N HIS C 3 -26.65 -38.09 7.66
CA HIS C 3 -27.22 -38.53 6.35
C HIS C 3 -27.46 -37.36 5.38
N MET C 4 -27.96 -36.23 5.91
CA MET C 4 -28.21 -35.03 5.10
C MET C 4 -26.92 -34.32 4.75
N ARG C 5 -26.92 -33.67 3.59
CA ARG C 5 -25.72 -33.06 3.00
C ARG C 5 -25.97 -31.55 2.80
N HIS C 6 -24.89 -30.80 2.65
CA HIS C 6 -24.97 -29.38 2.24
C HIS C 6 -25.39 -29.33 0.78
N ARG C 7 -26.47 -28.61 0.49
CA ARG C 7 -27.01 -28.53 -0.87
C ARG C 7 -26.16 -27.61 -1.75
N THR C 8 -26.10 -27.96 -3.04
CA THR C 8 -25.55 -27.08 -4.08
C THR C 8 -26.69 -26.72 -5.03
N LEU C 9 -26.40 -25.88 -6.03
CA LEU C 9 -27.42 -25.41 -6.97
C LEU C 9 -27.60 -26.38 -8.14
N SER C 10 -26.56 -27.17 -8.46
CA SER C 10 -26.61 -28.24 -9.44
C SER C 10 -26.69 -29.61 -8.75
N SER C 11 -27.75 -29.78 -7.94
CA SER C 11 -27.97 -31.02 -7.18
C SER C 11 -29.42 -31.17 -6.70
N SER C 12 -29.93 -30.12 -6.04
CA SER C 12 -31.33 -30.08 -5.59
C SER C 12 -32.00 -28.75 -5.99
N PRO C 13 -31.96 -28.37 -7.29
CA PRO C 13 -32.42 -27.05 -7.76
C PRO C 13 -33.90 -26.72 -7.51
N ALA C 14 -34.74 -27.74 -7.33
CA ALA C 14 -36.14 -27.56 -6.94
C ALA C 14 -36.34 -26.95 -5.53
N LEU C 15 -35.31 -27.05 -4.68
CA LEU C 15 -35.37 -26.51 -3.31
C LEU C 15 -34.71 -25.11 -3.15
N TRP C 16 -34.43 -24.42 -4.26
CA TRP C 16 -33.83 -23.08 -4.22
C TRP C 16 -34.81 -22.01 -4.72
N ALA C 17 -34.89 -20.91 -3.99
CA ALA C 17 -35.64 -19.72 -4.40
C ALA C 17 -34.67 -18.58 -4.68
N SER C 18 -35.00 -17.74 -5.66
CA SER C 18 -34.13 -16.65 -6.10
C SER C 18 -34.70 -15.28 -5.74
N ILE C 19 -33.81 -14.30 -5.60
CA ILE C 19 -34.17 -12.90 -5.35
C ILE C 19 -33.41 -12.02 -6.37
N PRO C 20 -34.11 -11.10 -7.07
CA PRO C 20 -33.41 -10.14 -7.94
C PRO C 20 -32.42 -9.26 -7.16
N CYS C 21 -31.13 -9.44 -7.43
CA CYS C 21 -30.06 -8.75 -6.71
C CYS C 21 -28.75 -8.84 -7.48
N PRO C 22 -28.30 -7.72 -8.10
CA PRO C 22 -27.01 -7.72 -8.80
C PRO C 22 -25.79 -7.92 -7.90
N ARG C 23 -24.67 -8.30 -8.51
CA ARG C 23 -23.38 -8.40 -7.78
C ARG C 23 -22.83 -7.03 -7.35
N SER C 24 -23.24 -5.96 -8.05
CA SER C 24 -22.92 -4.59 -7.62
C SER C 24 -23.58 -4.22 -6.30
N GLU C 25 -24.79 -4.73 -6.07
CA GLU C 25 -25.53 -4.51 -4.81
C GLU C 25 -25.11 -5.43 -3.66
N LEU C 26 -24.61 -6.63 -3.97
CA LEU C 26 -24.22 -7.60 -2.95
C LEU C 26 -23.20 -8.64 -3.46
N ARG C 27 -22.07 -8.75 -2.78
CA ARG C 27 -21.10 -9.83 -2.99
C ARG C 27 -20.97 -10.62 -1.70
N LEU C 28 -21.47 -11.86 -1.70
CA LEU C 28 -21.49 -12.73 -0.52
C LEU C 28 -20.10 -13.01 0.04
N ASP C 29 -19.11 -13.17 -0.84
CA ASP C 29 -17.72 -13.43 -0.42
C ASP C 29 -17.05 -12.26 0.31
N LEU C 30 -17.44 -11.02 0.00
CA LEU C 30 -16.91 -9.83 0.66
C LEU C 30 -17.71 -9.37 1.89
N VAL C 31 -18.87 -10.01 2.15
CA VAL C 31 -19.78 -9.60 3.23
C VAL C 31 -19.87 -10.63 4.36
N LEU C 32 -20.14 -11.89 4.01
CA LEU C 32 -20.46 -12.92 4.99
C LEU C 32 -19.31 -13.35 5.93
N ALA C 33 -18.07 -13.15 5.51
CA ALA C 33 -16.90 -13.47 6.33
C ALA C 33 -15.90 -12.30 6.38
N SER C 34 -16.42 -11.10 6.58
CA SER C 34 -15.61 -9.88 6.63
C SER C 34 -15.74 -9.16 7.99
N GLY C 35 -15.82 -9.94 9.06
CA GLY C 35 -15.86 -9.42 10.42
C GLY C 35 -17.17 -8.78 10.88
N GLN C 36 -18.28 -9.05 10.19
CA GLN C 36 -19.60 -8.59 10.60
C GLN C 36 -20.31 -9.73 11.34
N SER C 37 -20.54 -10.83 10.63
CA SER C 37 -21.09 -12.05 11.20
C SER C 37 -20.00 -13.12 11.20
N PHE C 38 -20.04 -14.02 12.18
CA PHE C 38 -19.04 -15.09 12.31
C PHE C 38 -19.70 -16.47 12.25
N ARG C 39 -20.85 -16.56 11.59
CA ARG C 39 -21.68 -17.76 11.56
C ARG C 39 -21.90 -18.29 10.14
N TRP C 40 -21.14 -17.78 9.17
CA TRP C 40 -21.25 -18.20 7.76
C TRP C 40 -19.95 -18.86 7.31
N LYS C 41 -20.08 -20.03 6.68
CA LYS C 41 -18.92 -20.81 6.19
C LYS C 41 -19.13 -21.21 4.73
N GLU C 42 -18.08 -21.07 3.93
CA GLU C 42 -18.08 -21.53 2.54
C GLU C 42 -17.71 -23.02 2.53
N GLN C 43 -18.72 -23.88 2.68
CA GLN C 43 -18.52 -25.33 2.84
C GLN C 43 -18.12 -25.96 1.51
N SER C 44 -18.92 -25.67 0.48
CA SER C 44 -18.60 -26.01 -0.90
C SER C 44 -18.34 -24.71 -1.68
N PRO C 45 -17.62 -24.77 -2.82
CA PRO C 45 -17.24 -23.55 -3.56
C PRO C 45 -18.42 -22.68 -4.00
N ALA C 46 -18.30 -21.38 -3.75
CA ALA C 46 -19.34 -20.38 -4.07
C ALA C 46 -20.70 -20.63 -3.40
N HIS C 47 -20.68 -21.26 -2.22
CA HIS C 47 -21.88 -21.62 -1.47
C HIS C 47 -21.65 -21.40 0.02
N TRP C 48 -22.39 -20.45 0.60
CA TRP C 48 -22.18 -20.01 1.98
C TRP C 48 -23.33 -20.49 2.87
N SER C 49 -23.01 -21.32 3.86
CA SER C 49 -24.01 -21.88 4.77
C SER C 49 -23.87 -21.29 6.18
N GLY C 50 -25.01 -21.01 6.82
CA GLY C 50 -25.05 -20.42 8.15
C GLY C 50 -26.42 -20.41 8.79
N VAL C 51 -26.46 -20.06 10.07
CA VAL C 51 -27.71 -20.05 10.86
C VAL C 51 -28.30 -18.64 10.93
N LEU C 52 -29.59 -18.53 10.61
CA LEU C 52 -30.38 -17.31 10.85
C LEU C 52 -31.68 -17.65 11.58
N ALA C 53 -31.74 -17.30 12.87
CA ALA C 53 -32.96 -17.38 13.68
C ALA C 53 -33.60 -18.77 13.70
N ASP C 54 -32.91 -19.72 14.32
CA ASP C 54 -33.37 -21.11 14.45
C ASP C 54 -33.54 -21.88 13.12
N GLN C 55 -32.83 -21.45 12.08
CA GLN C 55 -32.91 -22.06 10.75
C GLN C 55 -31.59 -21.93 10.01
N VAL C 56 -31.15 -23.01 9.37
CA VAL C 56 -29.93 -23.00 8.56
C VAL C 56 -30.28 -22.62 7.13
N TRP C 57 -29.43 -21.78 6.52
CA TRP C 57 -29.56 -21.37 5.13
C TRP C 57 -28.29 -21.73 4.37
N THR C 58 -28.40 -21.86 3.04
CA THR C 58 -27.24 -21.87 2.14
C THR C 58 -27.50 -20.87 1.02
N LEU C 59 -26.51 -20.00 0.75
CA LEU C 59 -26.65 -18.88 -0.18
C LEU C 59 -25.62 -18.96 -1.30
N THR C 60 -26.06 -18.68 -2.53
CA THR C 60 -25.19 -18.57 -3.70
C THR C 60 -25.77 -17.55 -4.68
N GLN C 61 -24.95 -17.08 -5.62
CA GLN C 61 -25.36 -15.99 -6.51
C GLN C 61 -24.69 -16.04 -7.89
N THR C 62 -25.45 -15.62 -8.90
CA THR C 62 -24.94 -15.34 -10.25
C THR C 62 -24.70 -13.83 -10.33
N GLU C 63 -24.42 -13.32 -11.54
CA GLU C 63 -24.33 -11.87 -11.77
C GLU C 63 -25.64 -11.12 -11.48
N ASP C 64 -26.78 -11.74 -11.80
CA ASP C 64 -28.09 -11.10 -11.72
C ASP C 64 -28.92 -11.48 -10.48
N GLN C 65 -28.76 -12.71 -9.99
CA GLN C 65 -29.67 -13.29 -8.97
C GLN C 65 -28.96 -13.66 -7.67
N LEU C 66 -29.77 -13.90 -6.63
CA LEU C 66 -29.30 -14.39 -5.33
C LEU C 66 -30.14 -15.62 -4.94
N TYR C 67 -29.60 -16.80 -5.19
CA TYR C 67 -30.29 -18.06 -4.89
C TYR C 67 -30.10 -18.46 -3.43
N CYS C 68 -31.16 -18.99 -2.82
CA CYS C 68 -31.12 -19.41 -1.42
C CYS C 68 -32.02 -20.62 -1.14
N THR C 69 -31.61 -21.44 -0.17
CA THR C 69 -32.36 -22.63 0.26
C THR C 69 -32.29 -22.75 1.78
N VAL C 70 -33.36 -23.29 2.39
CA VAL C 70 -33.49 -23.35 3.86
C VAL C 70 -33.64 -24.80 4.35
N TYR C 71 -33.05 -25.08 5.52
CA TYR C 71 -33.20 -26.36 6.22
C TYR C 71 -33.90 -26.08 7.54
N ARG C 72 -35.13 -26.56 7.68
CA ARG C 72 -35.98 -26.27 8.85
C ARG C 72 -35.77 -27.25 10.00
N GLY C 73 -35.68 -28.54 9.68
CA GLY C 73 -35.46 -29.57 10.70
C GLY C 73 -35.22 -30.96 10.13
N ASP C 74 -34.93 -31.91 11.02
CA ASP C 74 -34.66 -33.30 10.63
C ASP C 74 -35.95 -34.03 10.28
N ASP C 75 -36.89 -34.05 11.23
CA ASP C 75 -38.20 -34.68 11.06
C ASP C 75 -39.21 -33.66 10.54
N SER C 76 -39.13 -33.36 9.24
CA SER C 76 -40.06 -32.44 8.58
C SER C 76 -40.02 -32.60 7.06
N GLN C 77 -41.09 -32.20 6.40
CA GLN C 77 -41.20 -32.28 4.94
C GLN C 77 -40.33 -31.22 4.27
N VAL C 78 -39.49 -31.63 3.32
CA VAL C 78 -38.52 -30.74 2.68
C VAL C 78 -39.22 -29.89 1.61
N SER C 79 -38.97 -28.58 1.65
CA SER C 79 -39.56 -27.62 0.71
C SER C 79 -38.63 -26.44 0.46
N ARG C 80 -38.90 -25.70 -0.62
CA ARG C 80 -38.16 -24.47 -0.94
C ARG C 80 -38.57 -23.32 0.00
N PRO C 81 -37.78 -22.22 0.06
CA PRO C 81 -38.10 -21.14 1.01
C PRO C 81 -39.44 -20.44 0.72
N THR C 82 -40.20 -20.19 1.79
CA THR C 82 -41.50 -19.50 1.69
C THR C 82 -41.33 -18.00 1.47
N LEU C 83 -42.43 -17.33 1.16
CA LEU C 83 -42.42 -15.88 0.90
C LEU C 83 -42.03 -15.07 2.15
N GLU C 84 -42.46 -15.52 3.32
CA GLU C 84 -42.11 -14.88 4.60
C GLU C 84 -40.63 -15.05 4.95
N GLU C 85 -40.08 -16.24 4.67
CA GLU C 85 -38.66 -16.51 4.90
C GLU C 85 -37.73 -15.74 3.95
N LEU C 86 -38.20 -15.47 2.73
CA LEU C 86 -37.46 -14.63 1.77
C LEU C 86 -37.43 -13.15 2.20
N GLU C 87 -38.51 -12.68 2.81
CA GLU C 87 -38.59 -11.31 3.35
C GLU C 87 -37.59 -11.06 4.48
N THR C 88 -37.38 -12.05 5.34
CA THR C 88 -36.39 -11.96 6.42
C THR C 88 -34.95 -11.93 5.88
N LEU C 89 -34.70 -12.67 4.80
CA LEU C 89 -33.41 -12.62 4.10
C LEU C 89 -33.22 -11.29 3.37
N HIS C 90 -34.32 -10.72 2.87
CA HIS C 90 -34.32 -9.38 2.29
C HIS C 90 -34.03 -8.31 3.36
N LYS C 91 -34.62 -8.47 4.55
CA LYS C 91 -34.32 -7.60 5.70
C LYS C 91 -32.90 -7.80 6.24
N TYR C 92 -32.39 -9.03 6.19
CA TYR C 92 -31.03 -9.35 6.66
C TYR C 92 -29.95 -8.63 5.88
N PHE C 93 -30.07 -8.59 4.56
CA PHE C 93 -29.13 -7.87 3.69
C PHE C 93 -29.50 -6.39 3.45
N GLN C 94 -30.66 -5.94 3.94
CA GLN C 94 -31.11 -4.55 3.81
C GLN C 94 -31.14 -4.07 2.36
N LEU C 95 -31.76 -4.88 1.50
CA LEU C 95 -31.74 -4.66 0.05
C LEU C 95 -32.62 -3.51 -0.44
N ASP C 96 -33.50 -2.98 0.42
CA ASP C 96 -34.25 -1.75 0.12
C ASP C 96 -33.32 -0.55 -0.14
N VAL C 97 -32.24 -0.46 0.63
CA VAL C 97 -31.26 0.63 0.48
C VAL C 97 -30.38 0.35 -0.73
N SER C 98 -30.30 1.31 -1.65
CA SER C 98 -29.48 1.21 -2.85
C SER C 98 -28.01 1.48 -2.51
N LEU C 99 -27.18 0.45 -2.64
CA LEU C 99 -25.75 0.54 -2.36
C LEU C 99 -24.99 1.34 -3.43
N ALA C 100 -25.42 1.22 -4.69
CA ALA C 100 -24.81 1.96 -5.80
C ALA C 100 -24.95 3.48 -5.66
N GLN C 101 -26.12 3.92 -5.21
CA GLN C 101 -26.36 5.34 -4.91
C GLN C 101 -25.50 5.83 -3.74
N LEU C 102 -25.32 4.99 -2.73
CA LEU C 102 -24.44 5.31 -1.59
C LEU C 102 -22.96 5.36 -2.00
N TYR C 103 -22.53 4.37 -2.78
CA TYR C 103 -21.18 4.34 -3.37
C TYR C 103 -20.84 5.63 -4.12
N SER C 104 -21.79 6.11 -4.93
CA SER C 104 -21.63 7.37 -5.67
C SER C 104 -21.56 8.59 -4.74
N HIS C 105 -22.43 8.62 -3.74
CA HIS C 105 -22.49 9.73 -2.77
C HIS C 105 -21.23 9.84 -1.91
N TRP C 106 -20.68 8.69 -1.51
CA TRP C 106 -19.40 8.65 -0.78
C TRP C 106 -18.22 9.02 -1.68
N ALA C 107 -18.23 8.52 -2.92
CA ALA C 107 -17.17 8.80 -3.89
C ALA C 107 -17.05 10.27 -4.30
N SER C 108 -18.16 11.00 -4.29
CA SER C 108 -18.17 12.41 -4.69
C SER C 108 -17.30 13.33 -3.82
N VAL C 109 -17.13 12.98 -2.54
CA VAL C 109 -16.33 13.77 -1.59
C VAL C 109 -15.07 13.05 -1.08
N ASP C 110 -14.79 11.86 -1.62
CA ASP C 110 -13.70 11.00 -1.13
C ASP C 110 -12.98 10.34 -2.32
N SER C 111 -11.80 10.85 -2.65
CA SER C 111 -11.00 10.36 -3.77
C SER C 111 -10.38 8.98 -3.50
N HIS C 112 -9.99 8.72 -2.25
CA HIS C 112 -9.47 7.41 -1.84
C HIS C 112 -10.53 6.30 -1.94
N PHE C 113 -11.75 6.62 -1.51
CA PHE C 113 -12.88 5.68 -1.60
C PHE C 113 -13.20 5.30 -3.04
N GLN C 114 -13.16 6.28 -3.93
CA GLN C 114 -13.40 6.08 -5.37
C GLN C 114 -12.53 4.96 -5.97
N ARG C 115 -11.27 4.90 -5.55
CA ARG C 115 -10.31 3.90 -6.07
C ARG C 115 -10.63 2.51 -5.50
N VAL C 116 -10.90 2.45 -4.20
CA VAL C 116 -11.23 1.20 -3.50
C VAL C 116 -12.60 0.64 -3.95
N ALA C 117 -13.56 1.54 -4.14
CA ALA C 117 -14.93 1.18 -4.56
C ALA C 117 -15.00 0.44 -5.90
N GLN C 118 -14.06 0.75 -6.82
CA GLN C 118 -14.00 0.08 -8.13
C GLN C 118 -13.76 -1.42 -8.01
N LYS C 119 -12.72 -1.78 -7.27
CA LYS C 119 -12.33 -3.19 -7.08
C LYS C 119 -13.27 -3.97 -6.16
N PHE C 120 -13.87 -3.29 -5.17
CA PHE C 120 -14.67 -3.94 -4.13
C PHE C 120 -16.13 -3.47 -4.13
N GLN C 121 -16.90 -4.00 -5.07
CA GLN C 121 -18.33 -3.72 -5.19
C GLN C 121 -19.13 -4.66 -4.28
N GLY C 122 -20.36 -4.25 -3.97
CA GLY C 122 -21.30 -5.10 -3.24
C GLY C 122 -21.00 -5.39 -1.78
N VAL C 123 -20.24 -4.51 -1.13
CA VAL C 123 -19.96 -4.60 0.30
C VAL C 123 -21.00 -3.76 1.04
N ARG C 124 -21.89 -4.42 1.77
CA ARG C 124 -22.96 -3.77 2.53
C ARG C 124 -23.01 -4.28 3.97
N LEU C 125 -23.84 -3.64 4.79
CA LEU C 125 -24.03 -4.02 6.20
C LEU C 125 -25.18 -4.99 6.36
N LEU C 126 -24.93 -6.07 7.10
CA LEU C 126 -25.96 -7.02 7.48
C LEU C 126 -26.77 -6.44 8.64
N ARG C 127 -28.05 -6.79 8.70
CA ARG C 127 -28.92 -6.41 9.82
C ARG C 127 -29.05 -7.60 10.76
N GLN C 128 -28.19 -7.63 11.78
CA GLN C 128 -28.05 -8.80 12.66
C GLN C 128 -28.95 -8.73 13.89
N ASP C 129 -29.11 -9.90 14.52
CA ASP C 129 -29.79 -10.03 15.80
C ASP C 129 -28.94 -9.34 16.88
N PRO C 130 -29.56 -8.48 17.72
CA PRO C 130 -28.81 -7.78 18.79
C PRO C 130 -28.06 -8.67 19.78
N THR C 131 -28.72 -9.73 20.26
CA THR C 131 -28.13 -10.65 21.23
C THR C 131 -26.90 -11.34 20.66
N GLU C 132 -27.06 -11.93 19.48
CA GLU C 132 -25.97 -12.60 18.76
C GLU C 132 -24.80 -11.64 18.49
N CYS C 133 -25.14 -10.43 18.02
CA CYS C 133 -24.14 -9.41 17.71
C CYS C 133 -23.39 -8.93 18.96
N LEU C 134 -24.13 -8.70 20.05
CA LEU C 134 -23.54 -8.25 21.32
C LEU C 134 -22.44 -9.18 21.83
N PHE C 135 -22.77 -10.46 22.02
CA PHE C 135 -21.82 -11.43 22.58
C PHE C 135 -20.73 -11.85 21.60
N SER C 136 -21.00 -11.77 20.30
CA SER C 136 -19.99 -12.00 19.27
C SER C 136 -18.87 -10.95 19.31
N PHE C 137 -19.26 -9.70 19.53
CA PHE C 137 -18.28 -8.60 19.62
C PHE C 137 -17.67 -8.42 21.02
N ILE C 138 -18.25 -9.05 22.05
CA ILE C 138 -17.56 -9.24 23.32
C ILE C 138 -16.40 -10.24 23.12
N CYS C 139 -16.62 -11.27 22.31
CA CYS C 139 -15.55 -12.23 21.95
C CYS C 139 -14.47 -11.65 21.00
N SER C 140 -14.74 -10.51 20.37
CA SER C 140 -13.85 -9.93 19.35
C SER C 140 -12.65 -9.13 19.87
N SER C 141 -12.65 -8.76 21.15
CA SER C 141 -11.59 -7.92 21.72
C SER C 141 -10.22 -8.61 21.67
N ASN C 142 -9.23 -7.93 21.10
CA ASN C 142 -7.86 -8.47 20.97
C ASN C 142 -7.86 -9.86 20.33
N ASN C 143 -8.51 -9.97 19.18
CA ASN C 143 -8.77 -11.25 18.53
C ASN C 143 -8.79 -11.09 17.00
N ASN C 144 -8.95 -12.22 16.30
CA ASN C 144 -9.06 -12.23 14.82
C ASN C 144 -10.28 -13.04 14.38
N ILE C 145 -10.65 -12.90 13.11
CA ILE C 145 -11.89 -13.49 12.56
C ILE C 145 -11.93 -15.02 12.71
N ALA C 146 -10.79 -15.69 12.50
CA ALA C 146 -10.71 -17.15 12.58
C ALA C 146 -10.96 -17.67 14.01
N ARG C 147 -10.35 -17.03 14.99
CA ARG C 147 -10.54 -17.40 16.40
C ARG C 147 -11.93 -17.07 16.94
N ILE C 148 -12.49 -15.92 16.54
CA ILE C 148 -13.84 -15.50 16.96
C ILE C 148 -14.89 -16.49 16.44
N THR C 149 -14.74 -16.89 15.17
CA THR C 149 -15.61 -17.89 14.56
C THR C 149 -15.60 -19.22 15.34
N GLY C 150 -14.42 -19.62 15.83
CA GLY C 150 -14.29 -20.81 16.66
C GLY C 150 -14.97 -20.69 18.02
N MET C 151 -14.73 -19.58 18.71
CA MET C 151 -15.35 -19.31 20.02
C MET C 151 -16.88 -19.27 19.95
N VAL C 152 -17.40 -18.59 18.93
CA VAL C 152 -18.84 -18.46 18.73
C VAL C 152 -19.51 -19.80 18.38
N GLU C 153 -18.85 -20.60 17.55
CA GLU C 153 -19.36 -21.94 17.18
C GLU C 153 -19.46 -22.87 18.39
N ARG C 154 -18.39 -22.93 19.19
CA ARG C 154 -18.36 -23.75 20.40
C ARG C 154 -19.33 -23.26 21.48
N LEU C 155 -19.50 -21.93 21.56
CA LEU C 155 -20.48 -21.32 22.47
C LEU C 155 -21.91 -21.74 22.14
N CYS C 156 -22.25 -21.68 20.85
CA CYS C 156 -23.58 -22.08 20.37
C CYS C 156 -23.84 -23.60 20.50
N GLN C 157 -22.80 -24.41 20.35
CA GLN C 157 -22.89 -25.87 20.57
C GLN C 157 -23.18 -26.20 22.04
N ALA C 158 -22.45 -25.54 22.94
CA ALA C 158 -22.57 -25.79 24.38
C ALA C 158 -23.90 -25.31 24.97
N PHE C 159 -24.28 -24.07 24.65
CA PHE C 159 -25.44 -23.41 25.27
C PHE C 159 -26.70 -23.36 24.41
N GLY C 160 -26.56 -23.31 23.09
CA GLY C 160 -27.69 -23.15 22.18
C GLY C 160 -28.34 -24.45 21.75
N PRO C 161 -29.61 -24.39 21.30
CA PRO C 161 -30.35 -25.61 20.92
C PRO C 161 -29.93 -26.18 19.57
N ARG C 162 -30.14 -27.48 19.39
CA ARG C 162 -29.82 -28.17 18.14
C ARG C 162 -30.83 -27.81 17.06
N LEU C 163 -30.34 -27.64 15.83
CA LEU C 163 -31.19 -27.37 14.67
C LEU C 163 -31.13 -28.53 13.67
N ILE C 164 -29.94 -28.80 13.14
CA ILE C 164 -29.75 -29.82 12.09
C ILE C 164 -28.26 -30.16 11.92
N GLN C 165 -27.98 -31.36 11.41
CA GLN C 165 -26.63 -31.77 11.02
C GLN C 165 -26.56 -31.95 9.50
N LEU C 166 -25.57 -31.31 8.87
CA LEU C 166 -25.31 -31.44 7.44
C LEU C 166 -23.85 -31.84 7.26
N ASP C 167 -23.61 -32.97 6.59
CA ASP C 167 -22.28 -33.60 6.50
C ASP C 167 -21.71 -33.86 7.91
N ASP C 168 -20.56 -33.28 8.26
CA ASP C 168 -19.99 -33.39 9.60
C ASP C 168 -20.36 -32.22 10.52
N VAL C 169 -20.85 -31.12 9.94
CA VAL C 169 -21.09 -29.87 10.66
C VAL C 169 -22.47 -29.90 11.33
N THR C 170 -22.48 -29.82 12.67
CA THR C 170 -23.71 -29.72 13.45
C THR C 170 -24.02 -28.24 13.69
N TYR C 171 -25.25 -27.83 13.36
CA TYR C 171 -25.68 -26.44 13.48
C TYR C 171 -26.54 -26.22 14.71
N HIS C 172 -26.26 -25.15 15.44
CA HIS C 172 -27.01 -24.76 16.63
C HIS C 172 -27.45 -23.30 16.52
N GLY C 173 -28.63 -23.00 17.05
CA GLY C 173 -29.11 -21.62 17.16
C GLY C 173 -28.37 -20.90 18.26
N PHE C 174 -28.39 -19.56 18.23
CA PHE C 174 -27.72 -18.76 19.25
C PHE C 174 -28.52 -18.84 20.56
N PRO C 175 -27.83 -19.04 21.71
CA PRO C 175 -28.57 -19.23 22.98
C PRO C 175 -29.24 -17.98 23.52
N ASN C 176 -30.29 -18.17 24.32
CA ASN C 176 -30.94 -17.07 25.03
C ASN C 176 -30.08 -16.58 26.20
N LEU C 177 -30.42 -15.39 26.72
CA LEU C 177 -29.65 -14.74 27.79
C LEU C 177 -29.58 -15.56 29.08
N HIS C 178 -30.69 -16.19 29.45
CA HIS C 178 -30.75 -17.03 30.66
C HIS C 178 -29.78 -18.21 30.61
N ALA C 179 -29.57 -18.78 29.42
CA ALA C 179 -28.62 -19.87 29.23
C ALA C 179 -27.16 -19.44 29.48
N LEU C 180 -26.82 -18.21 29.09
CA LEU C 180 -25.46 -17.67 29.30
C LEU C 180 -25.22 -17.06 30.68
N ALA C 181 -26.29 -16.78 31.44
CA ALA C 181 -26.19 -16.10 32.73
C ALA C 181 -26.12 -17.03 33.96
N GLY C 182 -26.03 -18.35 33.74
CA GLY C 182 -26.02 -19.31 34.85
C GLY C 182 -24.71 -19.35 35.63
N PRO C 183 -24.72 -20.04 36.80
CA PRO C 183 -23.56 -20.05 37.72
C PRO C 183 -22.29 -20.73 37.18
N GLU C 184 -22.44 -21.79 36.39
CA GLU C 184 -21.30 -22.50 35.77
C GLU C 184 -21.00 -22.05 34.34
N ALA C 185 -21.62 -20.95 33.88
CA ALA C 185 -21.48 -20.50 32.49
C ALA C 185 -20.08 -19.96 32.18
N GLU C 186 -19.46 -19.25 33.12
CA GLU C 186 -18.11 -18.72 32.94
C GLU C 186 -17.07 -19.85 32.91
N THR C 187 -17.20 -20.81 33.83
CA THR C 187 -16.30 -21.98 33.89
C THR C 187 -16.33 -22.79 32.59
N HIS C 188 -17.54 -23.02 32.07
CA HIS C 188 -17.73 -23.73 30.80
C HIS C 188 -17.08 -22.97 29.64
N LEU C 189 -17.31 -21.66 29.57
CA LEU C 189 -16.76 -20.83 28.49
C LEU C 189 -15.23 -20.68 28.52
N ARG C 190 -14.64 -20.71 29.72
CA ARG C 190 -13.17 -20.74 29.86
C ARG C 190 -12.55 -22.04 29.33
N LYS C 191 -13.25 -23.16 29.54
CA LYS C 191 -12.83 -24.45 28.98
C LYS C 191 -12.88 -24.48 27.45
N LEU C 192 -13.85 -23.77 26.87
CA LEU C 192 -13.99 -23.65 25.41
C LEU C 192 -13.01 -22.67 24.75
N GLY C 193 -12.26 -21.92 25.55
CA GLY C 193 -11.14 -21.10 25.05
C GLY C 193 -11.33 -19.60 25.00
N LEU C 194 -12.45 -19.10 25.53
CA LEU C 194 -12.74 -17.66 25.52
C LEU C 194 -11.78 -16.85 26.41
N GLY C 195 -11.33 -17.45 27.52
CA GLY C 195 -10.38 -16.81 28.43
C GLY C 195 -11.06 -15.76 29.29
N TYR C 196 -10.48 -14.56 29.32
CA TYR C 196 -11.06 -13.42 30.06
C TYR C 196 -12.45 -13.01 29.53
N ARG C 197 -12.67 -13.20 28.23
CA ARG C 197 -13.95 -12.87 27.57
C ARG C 197 -15.15 -13.64 28.15
N ALA C 198 -14.90 -14.83 28.69
CA ALA C 198 -15.93 -15.66 29.34
C ALA C 198 -16.65 -14.96 30.51
N ARG C 199 -15.91 -14.16 31.28
CA ARG C 199 -16.50 -13.39 32.39
C ARG C 199 -17.47 -12.33 31.87
N TYR C 200 -17.05 -11.60 30.83
CA TYR C 200 -17.88 -10.53 30.24
C TYR C 200 -19.16 -11.06 29.60
N VAL C 201 -19.08 -12.26 29.00
CA VAL C 201 -20.26 -12.91 28.39
C VAL C 201 -21.30 -13.25 29.46
N ARG C 202 -20.85 -13.88 30.55
CA ARG C 202 -21.73 -14.24 31.66
C ARG C 202 -22.29 -13.00 32.35
N ALA C 203 -21.40 -12.03 32.63
CA ALA C 203 -21.78 -10.82 33.35
C ALA C 203 -22.73 -9.91 32.55
N SER C 204 -22.51 -9.80 31.24
CA SER C 204 -23.44 -9.03 30.38
C SER C 204 -24.79 -9.72 30.22
N ALA C 205 -24.80 -11.05 30.20
CA ALA C 205 -26.04 -11.83 30.18
C ALA C 205 -26.86 -11.60 31.45
N LYS C 206 -26.19 -11.60 32.60
CA LYS C 206 -26.82 -11.25 33.88
C LYS C 206 -27.31 -9.80 33.90
N ALA C 207 -26.46 -8.88 33.47
CA ALA C 207 -26.77 -7.44 33.48
C ALA C 207 -28.01 -7.10 32.66
N ILE C 208 -28.13 -7.67 31.46
CA ILE C 208 -29.29 -7.41 30.60
C ILE C 208 -30.59 -7.94 31.23
N LEU C 209 -30.52 -9.11 31.87
CA LEU C 209 -31.67 -9.68 32.58
C LEU C 209 -32.06 -8.85 33.81
N GLU C 210 -31.12 -8.72 34.75
CA GLU C 210 -31.40 -8.13 36.06
C GLU C 210 -31.47 -6.61 36.03
N GLU C 211 -30.44 -5.96 35.48
CA GLU C 211 -30.36 -4.49 35.44
C GLU C 211 -31.18 -3.83 34.33
N GLN C 212 -31.41 -4.54 33.22
CA GLN C 212 -32.12 -3.96 32.05
C GLN C 212 -33.45 -4.62 31.64
N GLY C 213 -33.74 -5.82 32.14
CA GLY C 213 -35.06 -6.46 31.97
C GLY C 213 -35.26 -7.26 30.70
N GLY C 214 -34.23 -8.01 30.30
CA GLY C 214 -34.34 -8.99 29.21
C GLY C 214 -34.07 -8.42 27.82
N PRO C 215 -34.27 -9.24 26.78
CA PRO C 215 -33.94 -8.85 25.39
C PRO C 215 -34.86 -7.80 24.76
N ALA C 216 -35.99 -7.48 25.41
CA ALA C 216 -36.83 -6.35 25.00
C ALA C 216 -36.08 -5.01 25.09
N TRP C 217 -35.14 -4.92 26.03
CA TRP C 217 -34.27 -3.75 26.17
C TRP C 217 -33.42 -3.50 24.92
N LEU C 218 -32.88 -4.57 24.33
CA LEU C 218 -32.12 -4.45 23.08
C LEU C 218 -32.97 -3.94 21.91
N GLN C 219 -34.25 -4.33 21.89
CA GLN C 219 -35.22 -3.81 20.91
C GLN C 219 -35.53 -2.31 21.14
N GLN C 220 -35.58 -1.88 22.40
CA GLN C 220 -35.74 -0.44 22.72
C GLN C 220 -34.59 0.41 22.16
N LEU C 221 -33.35 -0.09 22.27
CA LEU C 221 -32.17 0.60 21.75
C LEU C 221 -32.17 0.67 20.21
N ARG C 222 -32.83 -0.28 19.56
CA ARG C 222 -33.03 -0.27 18.10
C ARG C 222 -33.86 0.93 17.64
N VAL C 223 -34.90 1.27 18.42
CA VAL C 223 -35.76 2.44 18.14
C VAL C 223 -35.29 3.74 18.81
N ALA C 224 -34.47 3.62 19.86
CA ALA C 224 -33.86 4.81 20.50
C ALA C 224 -32.78 5.45 19.62
N PRO C 225 -32.42 6.72 19.89
CA PRO C 225 -31.36 7.37 19.09
C PRO C 225 -29.98 6.75 19.30
N TYR C 226 -29.12 6.92 18.29
CA TYR C 226 -27.74 6.39 18.30
C TYR C 226 -26.97 6.76 19.56
N GLU C 227 -27.07 8.01 19.98
CA GLU C 227 -26.33 8.54 21.12
C GLU C 227 -26.80 7.89 22.44
N GLU C 228 -28.10 7.67 22.56
CA GLU C 228 -28.69 6.99 23.73
C GLU C 228 -28.34 5.50 23.77
N ALA C 229 -28.41 4.84 22.62
CA ALA C 229 -28.11 3.41 22.50
C ALA C 229 -26.65 3.07 22.80
N HIS C 230 -25.75 3.92 22.30
CA HIS C 230 -24.30 3.74 22.53
C HIS C 230 -23.96 3.83 24.02
N LYS C 231 -24.45 4.89 24.67
CA LYS C 231 -24.23 5.12 26.10
C LYS C 231 -24.83 4.01 26.98
N ALA C 232 -25.98 3.49 26.57
CA ALA C 232 -26.65 2.40 27.31
C ALA C 232 -25.85 1.10 27.25
N LEU C 233 -25.36 0.75 26.05
CA LEU C 233 -24.51 -0.44 25.86
C LEU C 233 -23.18 -0.38 26.61
N CYS C 234 -22.60 0.81 26.74
CA CYS C 234 -21.32 0.99 27.45
C CYS C 234 -21.36 0.71 28.96
N THR C 235 -22.56 0.62 29.54
CA THR C 235 -22.72 0.19 30.94
C THR C 235 -22.48 -1.31 31.15
N LEU C 236 -22.53 -2.11 30.07
CA LEU C 236 -22.42 -3.56 30.16
C LEU C 236 -20.96 -4.01 30.38
N PRO C 237 -20.74 -5.11 31.15
CA PRO C 237 -19.39 -5.69 31.31
C PRO C 237 -18.74 -6.13 29.99
N GLY C 238 -17.57 -5.59 29.70
CA GLY C 238 -16.83 -5.91 28.48
C GLY C 238 -17.24 -5.15 27.22
N VAL C 239 -18.18 -4.23 27.34
CA VAL C 239 -18.67 -3.45 26.21
C VAL C 239 -18.18 -2.01 26.36
N GLY C 240 -17.20 -1.63 25.55
CA GLY C 240 -16.71 -0.25 25.47
C GLY C 240 -17.21 0.42 24.20
N ALA C 241 -16.62 1.58 23.89
CA ALA C 241 -17.06 2.42 22.77
C ALA C 241 -17.01 1.71 21.41
N LYS C 242 -15.96 0.93 21.17
CA LYS C 242 -15.79 0.23 19.90
C LYS C 242 -16.80 -0.91 19.70
N VAL C 243 -16.96 -1.74 20.74
CA VAL C 243 -17.95 -2.83 20.72
C VAL C 243 -19.38 -2.28 20.66
N ALA C 244 -19.63 -1.21 21.42
CA ALA C 244 -20.93 -0.52 21.38
C ALA C 244 -21.27 0.01 19.99
N ASP C 245 -20.29 0.61 19.31
CA ASP C 245 -20.46 1.10 17.94
C ASP C 245 -20.68 -0.02 16.93
N CYS C 246 -20.00 -1.15 17.10
CA CYS C 246 -20.23 -2.33 16.25
C CYS C 246 -21.67 -2.80 16.36
N ILE C 247 -22.20 -2.85 17.58
CA ILE C 247 -23.57 -3.30 17.83
C ILE C 247 -24.57 -2.28 17.29
N CYS C 248 -24.32 -0.99 17.55
CA CYS C 248 -25.12 0.10 16.98
C CYS C 248 -25.21 0.02 15.46
N LEU C 249 -24.07 -0.15 14.80
CA LEU C 249 -24.00 -0.23 13.34
C LEU C 249 -24.65 -1.47 12.75
N MET C 250 -24.39 -2.63 13.36
CA MET C 250 -24.71 -3.92 12.76
C MET C 250 -26.04 -4.54 13.22
N ALA C 251 -26.55 -4.11 14.38
CA ALA C 251 -27.77 -4.69 14.96
C ALA C 251 -28.88 -3.71 15.38
N LEU C 252 -28.55 -2.45 15.68
CA LEU C 252 -29.54 -1.48 16.18
C LEU C 252 -29.89 -0.36 15.20
N ASP C 253 -29.64 -0.59 13.90
CA ASP C 253 -30.02 0.35 12.82
C ASP C 253 -29.47 1.77 13.02
N LYS C 254 -28.16 1.87 13.28
CA LYS C 254 -27.47 3.15 13.42
C LYS C 254 -26.38 3.21 12.34
N PRO C 255 -26.74 3.56 11.09
CA PRO C 255 -25.76 3.53 9.99
C PRO C 255 -24.58 4.51 10.12
N GLN C 256 -24.77 5.58 10.90
CA GLN C 256 -23.71 6.56 11.19
C GLN C 256 -22.66 6.11 12.22
N ALA C 257 -22.90 4.99 12.91
CA ALA C 257 -21.95 4.47 13.90
C ALA C 257 -20.67 4.01 13.23
N VAL C 258 -19.53 4.47 13.76
CA VAL C 258 -18.20 4.19 13.20
C VAL C 258 -17.32 3.58 14.30
N PRO C 259 -17.25 2.23 14.36
CA PRO C 259 -16.35 1.57 15.33
C PRO C 259 -14.88 1.96 15.11
N VAL C 260 -14.22 2.45 16.16
CA VAL C 260 -12.82 2.89 16.06
C VAL C 260 -11.93 2.11 17.03
N ASP C 261 -10.90 1.46 16.48
CA ASP C 261 -9.82 0.84 17.27
C ASP C 261 -8.48 1.10 16.55
N VAL C 262 -7.45 0.31 16.83
CA VAL C 262 -6.14 0.48 16.19
C VAL C 262 -6.14 0.32 14.66
N HIS C 263 -7.05 -0.52 14.13
CA HIS C 263 -7.14 -0.78 12.69
C HIS C 263 -7.69 0.42 11.91
N VAL C 264 -8.63 1.15 12.53
CA VAL C 264 -9.23 2.33 11.90
C VAL C 264 -8.25 3.50 11.96
N TRP C 265 -7.55 3.63 13.08
CA TRP C 265 -6.45 4.57 13.22
C TRP C 265 -5.36 4.39 12.15
N GLN C 266 -5.06 3.13 11.83
CA GLN C 266 -4.08 2.79 10.79
C GLN C 266 -4.54 3.26 9.41
N ILE C 267 -5.78 2.94 9.07
CA ILE C 267 -6.35 3.30 7.75
C ILE C 267 -6.53 4.81 7.63
N ALA C 268 -7.12 5.44 8.66
CA ALA C 268 -7.32 6.89 8.69
C ALA C 268 -6.00 7.65 8.59
N HIS C 269 -4.98 7.16 9.28
CA HIS C 269 -3.65 7.74 9.23
C HIS C 269 -2.99 7.54 7.87
N ARG C 270 -2.84 6.28 7.48
CA ARG C 270 -2.09 5.92 6.26
C ARG C 270 -2.74 6.44 4.98
N ASP C 271 -4.06 6.29 4.87
CA ASP C 271 -4.79 6.60 3.63
C ASP C 271 -5.35 8.02 3.58
N TYR C 272 -5.82 8.55 4.71
CA TYR C 272 -6.41 9.90 4.77
C TYR C 272 -5.49 10.99 5.35
N GLY C 273 -4.39 10.58 6.00
CA GLY C 273 -3.46 11.53 6.62
C GLY C 273 -4.03 12.21 7.86
N TRP C 274 -4.90 11.49 8.59
CA TRP C 274 -5.61 12.07 9.73
C TRP C 274 -4.76 12.08 10.99
N HIS C 275 -4.90 13.16 11.77
CA HIS C 275 -4.30 13.30 13.10
C HIS C 275 -5.32 13.92 14.05
N PRO C 276 -5.17 13.68 15.36
CA PRO C 276 -6.03 14.38 16.33
C PRO C 276 -5.64 15.86 16.43
N LYS C 277 -6.61 16.76 16.20
CA LYS C 277 -6.38 18.20 16.27
C LYS C 277 -6.25 18.67 17.71
N GLY C 283 -1.51 9.47 19.89
CA GLY C 283 -1.91 8.06 19.79
C GLY C 283 -3.38 7.83 20.13
N PRO C 284 -3.82 6.56 20.16
CA PRO C 284 -5.21 6.23 20.49
C PRO C 284 -5.60 6.59 21.94
N SER C 285 -6.81 7.15 22.09
CA SER C 285 -7.38 7.46 23.40
C SER C 285 -8.89 7.64 23.27
N PRO C 286 -9.65 7.57 24.40
CA PRO C 286 -11.10 7.74 24.33
C PRO C 286 -11.58 9.02 23.63
N LEU C 287 -10.92 10.14 23.90
CA LEU C 287 -11.26 11.43 23.28
C LEU C 287 -10.86 11.46 21.81
N ALA C 288 -9.66 10.97 21.50
CA ALA C 288 -9.14 10.96 20.13
C ALA C 288 -9.89 9.97 19.21
N ASN C 289 -10.30 8.83 19.77
CA ASN C 289 -11.13 7.86 19.04
C ASN C 289 -12.53 8.40 18.72
N LYS C 290 -13.09 9.17 19.64
CA LYS C 290 -14.35 9.89 19.42
C LYS C 290 -14.20 10.92 18.28
N GLU C 291 -13.08 11.63 18.27
CA GLU C 291 -12.78 12.61 17.22
C GLU C 291 -12.67 11.96 15.83
N LEU C 292 -12.08 10.77 15.78
CA LEU C 292 -11.93 10.04 14.51
C LEU C 292 -13.27 9.54 13.97
N GLY C 293 -14.16 9.10 14.87
CA GLY C 293 -15.53 8.74 14.50
C GLY C 293 -16.31 9.92 13.91
N ASN C 294 -16.12 11.10 14.50
CA ASN C 294 -16.78 12.33 14.02
C ASN C 294 -16.22 12.79 12.68
N PHE C 295 -14.91 12.61 12.47
CA PHE C 295 -14.28 12.91 11.18
C PHE C 295 -14.94 12.16 10.02
N PHE C 296 -15.10 10.85 10.18
CA PHE C 296 -15.72 10.01 9.15
C PHE C 296 -17.21 10.31 8.93
N ARG C 297 -17.94 10.59 10.01
CA ARG C 297 -19.34 11.03 9.92
C ARG C 297 -19.47 12.37 9.17
N ASN C 298 -18.57 13.31 9.47
CA ASN C 298 -18.51 14.59 8.77
C ASN C 298 -18.21 14.43 7.28
N LEU C 299 -17.30 13.51 6.96
CA LEU C 299 -16.87 13.27 5.57
C LEU C 299 -17.91 12.50 4.76
N TRP C 300 -18.33 11.34 5.27
CA TRP C 300 -19.22 10.44 4.53
C TRP C 300 -20.72 10.71 4.75
N GLY C 301 -21.11 11.18 5.93
CA GLY C 301 -22.51 11.51 6.23
C GLY C 301 -23.21 10.45 7.09
N PRO C 302 -24.56 10.37 7.03
CA PRO C 302 -25.31 9.52 7.95
C PRO C 302 -25.21 7.99 7.73
N TYR C 303 -24.58 7.55 6.63
CA TYR C 303 -24.23 6.12 6.44
C TYR C 303 -22.70 5.93 6.46
N ALA C 304 -22.04 6.54 7.44
CA ALA C 304 -20.57 6.48 7.56
C ALA C 304 -20.05 5.09 7.93
N GLY C 305 -20.80 4.37 8.75
CA GLY C 305 -20.48 2.98 9.10
C GLY C 305 -20.54 2.02 7.92
N TRP C 306 -21.44 2.29 6.99
CA TRP C 306 -21.55 1.51 5.76
C TRP C 306 -20.34 1.72 4.83
N ALA C 307 -19.86 2.96 4.76
CA ALA C 307 -18.64 3.29 4.01
C ALA C 307 -17.39 2.65 4.60
N GLN C 308 -17.31 2.59 5.93
CA GLN C 308 -16.20 1.94 6.62
C GLN C 308 -16.09 0.45 6.30
N ALA C 309 -17.23 -0.22 6.16
CA ALA C 309 -17.28 -1.65 5.80
C ALA C 309 -16.62 -1.95 4.46
N VAL C 310 -16.77 -1.03 3.50
CA VAL C 310 -16.15 -1.18 2.18
C VAL C 310 -14.62 -1.14 2.30
N LEU C 311 -14.11 -0.22 3.10
CA LEU C 311 -12.67 -0.11 3.37
C LEU C 311 -12.15 -1.29 4.21
N PHE C 312 -12.97 -1.75 5.16
CA PHE C 312 -12.62 -2.93 5.99
C PHE C 312 -12.51 -4.21 5.16
N SER C 313 -13.49 -4.42 4.28
CA SER C 313 -13.46 -5.56 3.35
C SER C 313 -12.35 -5.44 2.31
N ALA C 314 -12.03 -4.20 1.93
CA ALA C 314 -10.91 -3.91 1.03
C ALA C 314 -9.54 -4.15 1.70
N ASP C 315 -9.46 -3.88 3.01
CA ASP C 315 -8.23 -4.13 3.78
C ASP C 315 -7.99 -5.63 3.97
N LEU C 316 -9.06 -6.39 4.22
CA LEU C 316 -8.99 -7.86 4.28
C LEU C 316 -8.68 -8.50 2.93
N ARG C 317 -9.10 -7.84 1.84
CA ARG C 317 -8.83 -8.27 0.46
C ARG C 317 -9.52 -9.59 0.12
#